data_8YI6
#
_entry.id   8YI6
#
_cell.length_a   138.680
_cell.length_b   138.680
_cell.length_c   144.980
_cell.angle_alpha   90.00
_cell.angle_beta   90.00
_cell.angle_gamma   90.00
#
_symmetry.space_group_name_H-M   'P 42 21 2'
#
loop_
_entity.id
_entity.type
_entity.pdbx_description
1 polymer 'L-propargylglycine--L-glutamate ligase'
2 non-polymer ADENINE
#
_entity_poly.entity_id   1
_entity_poly.type   'polypeptide(L)'
_entity_poly.pdbx_seq_one_letter_code
;MTDPGSTKILIYAFNYADRMLEEVPYLRYSAERSLCFLGDLRDPGTRLVVITSEAVDPATLDYHLRDVFRFDEPALADVR
RRLTLLTPASRAARPLDSLVLEDEALVETLRRAVAERPAGTIVDFSASPATDELGRRTGATPEEGDHAFVARWGSKSGGK
EICLRAGVAVPGGTSEVLRSEAEVVEAIHRLSCGTAAARRAMVKLDAITWAASIGNVLIDRDKLRHTGDLVGSAEVIRLP
AEEFRRELAEQGAIVEEFLEEITDSPSGLGHIERDGTVRVVACHDQVLSGGQYWGCRFPADERWRPEITDAVRRTGEVLS
GLGHRGAFGVDFVVAGERGLLAVEINLRKVGPSHVVRYAEALVGARVGADGMLRGADGRPVYYTHGRLLEPETLGKLNPR
TAVERLRAEGLLYRHDTGEGVALHVLGALNACGFVELTALARSPEAADGYSRAAQALLTGPYPSAVDLEHHHHHH
;
_entity_poly.pdbx_strand_id   A,B
#
loop_
_chem_comp.id
_chem_comp.type
_chem_comp.name
_chem_comp.formula
ADE non-polymer ADENINE 'C5 H5 N5'
#
# COMPACT_ATOMS: atom_id res chain seq x y z
N GLY A 5 -42.25 6.13 -29.74
CA GLY A 5 -40.88 6.24 -30.28
C GLY A 5 -39.91 6.54 -29.14
N SER A 6 -38.86 5.71 -29.06
CA SER A 6 -37.77 5.87 -28.12
C SER A 6 -36.41 5.87 -28.82
N THR A 7 -35.52 6.70 -28.27
CA THR A 7 -34.09 6.69 -28.58
C THR A 7 -33.27 6.55 -27.30
N LYS A 8 -32.38 5.56 -27.29
CA LYS A 8 -31.51 5.25 -26.16
C LYS A 8 -30.06 5.16 -26.64
N ILE A 9 -29.20 5.87 -25.90
CA ILE A 9 -27.80 6.07 -26.25
C ILE A 9 -26.89 5.52 -25.13
N LEU A 10 -26.02 4.55 -25.48
CA LEU A 10 -25.38 3.70 -24.48
C LEU A 10 -23.90 4.05 -24.37
N ILE A 11 -23.52 4.65 -23.23
CA ILE A 11 -22.17 5.09 -22.98
C ILE A 11 -21.89 4.60 -21.57
N TYR A 12 -21.27 3.41 -21.48
CA TYR A 12 -21.09 2.72 -20.22
C TYR A 12 -19.64 2.94 -19.79
N ALA A 13 -19.20 4.19 -19.94
CA ALA A 13 -17.85 4.62 -19.58
C ALA A 13 -17.63 4.51 -18.06
N PHE A 14 -16.44 4.01 -17.69
CA PHE A 14 -16.01 3.96 -16.30
C PHE A 14 -15.24 5.24 -16.04
N ASN A 15 -15.99 6.25 -15.58
CA ASN A 15 -15.52 7.63 -15.42
C ASN A 15 -14.83 7.76 -14.07
N TYR A 16 -15.37 7.05 -13.07
CA TYR A 16 -14.91 7.11 -11.68
C TYR A 16 -13.55 6.39 -11.56
N ALA A 17 -13.08 5.79 -12.67
CA ALA A 17 -11.77 5.15 -12.73
C ALA A 17 -10.83 6.04 -13.54
N ASP A 18 -10.15 6.97 -12.86
CA ASP A 18 -9.25 7.91 -13.50
C ASP A 18 -7.87 7.29 -13.69
N ARG A 19 -7.50 6.37 -12.78
CA ARG A 19 -6.21 5.70 -12.76
C ARG A 19 -6.35 4.33 -13.44
N MET A 20 -7.37 3.58 -13.06
CA MET A 20 -7.43 2.17 -13.39
C MET A 20 -7.43 1.97 -14.91
N LEU A 21 -8.10 2.86 -15.64
CA LEU A 21 -8.12 2.87 -17.10
C LEU A 21 -6.69 2.80 -17.64
N GLU A 22 -5.76 3.50 -16.98
CA GLU A 22 -4.36 3.53 -17.40
C GLU A 22 -3.59 2.30 -16.93
N GLU A 23 -4.25 1.41 -16.16
CA GLU A 23 -3.60 0.21 -15.61
C GLU A 23 -4.26 -1.05 -16.20
N VAL A 24 -5.35 -1.51 -15.57
CA VAL A 24 -6.14 -2.60 -16.13
C VAL A 24 -6.54 -2.21 -17.55
N PRO A 25 -6.09 -2.96 -18.58
CA PRO A 25 -6.15 -2.49 -19.97
C PRO A 25 -7.43 -2.92 -20.67
N TYR A 26 -7.99 -4.03 -20.19
CA TYR A 26 -9.21 -4.60 -20.76
C TYR A 26 -10.36 -3.63 -20.50
N LEU A 27 -10.04 -2.51 -19.84
CA LEU A 27 -11.04 -1.52 -19.48
C LEU A 27 -11.54 -0.82 -20.72
N ARG A 28 -10.66 -0.62 -21.70
CA ARG A 28 -11.13 0.05 -22.90
C ARG A 28 -12.32 -0.71 -23.49
N TYR A 29 -12.36 -2.04 -23.30
CA TYR A 29 -13.40 -2.88 -23.87
C TYR A 29 -14.62 -3.00 -22.95
N SER A 30 -14.60 -2.27 -21.82
CA SER A 30 -15.64 -2.32 -20.80
C SER A 30 -17.01 -2.02 -21.39
N ALA A 31 -17.09 -0.99 -22.25
CA ALA A 31 -18.38 -0.51 -22.71
C ALA A 31 -19.20 -1.66 -23.28
N GLU A 32 -18.51 -2.67 -23.83
CA GLU A 32 -19.21 -3.76 -24.49
C GLU A 32 -20.31 -4.32 -23.57
N ARG A 33 -20.14 -4.10 -22.26
CA ARG A 33 -21.11 -4.57 -21.28
C ARG A 33 -22.50 -4.15 -21.71
N SER A 34 -22.58 -2.96 -22.31
CA SER A 34 -23.85 -2.34 -22.63
C SER A 34 -24.68 -3.21 -23.57
N LEU A 35 -24.04 -4.26 -24.13
CA LEU A 35 -24.69 -5.05 -25.16
C LEU A 35 -25.75 -5.96 -24.57
N CYS A 36 -25.97 -5.84 -23.27
CA CYS A 36 -27.01 -6.61 -22.60
C CYS A 36 -28.35 -5.94 -22.80
N PHE A 37 -28.32 -4.71 -23.33
CA PHE A 37 -29.50 -3.87 -23.42
C PHE A 37 -30.26 -4.11 -24.72
N LEU A 38 -29.62 -4.81 -25.66
CA LEU A 38 -30.19 -5.05 -26.97
C LEU A 38 -31.60 -5.65 -26.86
N GLY A 39 -31.91 -6.27 -25.72
CA GLY A 39 -33.24 -6.82 -25.45
C GLY A 39 -34.33 -5.79 -25.74
N ASP A 40 -34.00 -4.52 -25.48
CA ASP A 40 -34.92 -3.40 -25.61
C ASP A 40 -35.47 -3.33 -27.03
N LEU A 41 -34.64 -3.71 -28.01
CA LEU A 41 -35.05 -3.62 -29.41
C LEU A 41 -36.29 -4.49 -29.68
N ARG A 42 -36.73 -5.27 -28.68
CA ARG A 42 -37.97 -6.04 -28.76
C ARG A 42 -39.19 -5.14 -28.92
N ASP A 43 -39.16 -3.93 -28.32
CA ASP A 43 -40.16 -2.90 -28.57
C ASP A 43 -39.95 -2.34 -29.97
N PRO A 44 -40.98 -2.42 -30.86
CA PRO A 44 -40.87 -1.95 -32.24
C PRO A 44 -40.34 -0.52 -32.34
N GLY A 45 -40.53 0.26 -31.27
CA GLY A 45 -40.26 1.69 -31.27
C GLY A 45 -38.80 2.01 -30.93
N THR A 46 -38.28 1.31 -29.92
CA THR A 46 -36.94 1.55 -29.41
C THR A 46 -35.93 1.56 -30.56
N ARG A 47 -35.05 2.55 -30.48
CA ARG A 47 -33.85 2.67 -31.31
C ARG A 47 -32.64 2.89 -30.39
N LEU A 48 -31.59 2.09 -30.63
CA LEU A 48 -30.41 2.02 -29.80
C LEU A 48 -29.19 2.54 -30.56
N VAL A 49 -28.37 3.28 -29.79
CA VAL A 49 -27.03 3.68 -30.22
C VAL A 49 -25.98 3.24 -29.21
N VAL A 50 -25.02 2.45 -29.71
CA VAL A 50 -23.94 1.92 -28.91
C VAL A 50 -22.64 2.66 -29.24
N ILE A 51 -21.97 3.05 -28.16
CA ILE A 51 -20.68 3.74 -28.21
C ILE A 51 -19.68 3.02 -27.30
N THR A 52 -18.51 2.73 -27.91
CA THR A 52 -17.44 2.02 -27.25
C THR A 52 -16.18 2.73 -27.71
N SER A 53 -15.15 2.65 -26.87
CA SER A 53 -13.84 3.22 -27.16
C SER A 53 -13.15 2.51 -28.34
N GLU A 54 -13.54 1.24 -28.55
CA GLU A 54 -13.08 0.36 -29.60
C GLU A 54 -14.29 -0.33 -30.23
N ALA A 55 -14.21 -0.56 -31.55
CA ALA A 55 -15.37 -0.97 -32.34
C ALA A 55 -15.89 -2.37 -31.98
N VAL A 56 -17.19 -2.49 -31.67
CA VAL A 56 -17.82 -3.80 -31.45
C VAL A 56 -17.66 -4.68 -32.70
N ASP A 57 -17.25 -5.95 -32.50
CA ASP A 57 -16.93 -6.88 -33.57
C ASP A 57 -18.18 -7.57 -34.14
N PRO A 58 -18.32 -7.68 -35.48
CA PRO A 58 -19.56 -8.17 -36.09
C PRO A 58 -19.95 -9.50 -35.48
N ALA A 59 -18.96 -10.35 -35.22
CA ALA A 59 -19.16 -11.69 -34.69
C ALA A 59 -19.93 -11.64 -33.38
N THR A 60 -19.43 -10.76 -32.52
CA THR A 60 -19.98 -10.52 -31.18
C THR A 60 -21.46 -10.14 -31.30
N LEU A 61 -21.69 -9.20 -32.21
CA LEU A 61 -23.03 -8.66 -32.46
C LEU A 61 -23.97 -9.79 -32.88
N ASP A 62 -23.47 -10.61 -33.80
CA ASP A 62 -24.21 -11.76 -34.32
C ASP A 62 -24.61 -12.69 -33.19
N TYR A 63 -23.63 -12.97 -32.34
CA TYR A 63 -23.81 -13.85 -31.18
C TYR A 63 -24.94 -13.33 -30.30
N HIS A 64 -24.85 -12.02 -30.03
CA HIS A 64 -25.80 -11.34 -29.17
C HIS A 64 -27.22 -11.47 -29.76
N LEU A 65 -27.30 -11.26 -31.06
CA LEU A 65 -28.56 -11.25 -31.79
C LEU A 65 -29.18 -12.65 -31.70
N ARG A 66 -28.33 -13.70 -31.84
CA ARG A 66 -28.95 -14.99 -32.17
C ARG A 66 -28.89 -15.93 -30.97
N ASP A 67 -27.70 -15.97 -30.37
CA ASP A 67 -27.36 -17.00 -29.42
C ASP A 67 -27.59 -16.43 -28.01
N VAL A 68 -27.72 -15.11 -27.94
CA VAL A 68 -28.02 -14.47 -26.66
C VAL A 68 -29.51 -14.18 -26.60
N PHE A 69 -29.97 -13.21 -27.39
CA PHE A 69 -31.31 -12.67 -27.24
C PHE A 69 -32.33 -13.50 -28.01
N ARG A 70 -31.85 -14.40 -28.88
CA ARG A 70 -32.68 -15.34 -29.62
C ARG A 70 -33.75 -14.63 -30.47
N PHE A 71 -33.31 -13.67 -31.29
CA PHE A 71 -34.23 -13.01 -32.18
C PHE A 71 -34.70 -13.99 -33.26
N ASP A 72 -36.02 -14.02 -33.51
CA ASP A 72 -36.55 -14.78 -34.63
C ASP A 72 -36.06 -14.17 -35.95
N GLU A 73 -35.87 -15.02 -36.97
CA GLU A 73 -35.19 -14.65 -38.19
C GLU A 73 -35.97 -13.59 -38.96
N PRO A 74 -37.30 -13.72 -39.10
CA PRO A 74 -38.12 -12.63 -39.65
C PRO A 74 -37.81 -11.23 -39.13
N ALA A 75 -37.93 -11.02 -37.81
CA ALA A 75 -37.88 -9.67 -37.26
C ALA A 75 -36.46 -9.09 -37.26
N LEU A 76 -35.47 -9.98 -37.44
CA LEU A 76 -34.09 -9.68 -37.08
C LEU A 76 -33.58 -8.49 -37.88
N ALA A 77 -33.93 -8.44 -39.16
CA ALA A 77 -33.48 -7.39 -40.06
C ALA A 77 -33.92 -6.02 -39.52
N ASP A 78 -35.19 -5.96 -39.12
CA ASP A 78 -35.79 -4.75 -38.58
C ASP A 78 -35.02 -4.28 -37.35
N VAL A 79 -34.73 -5.24 -36.48
CA VAL A 79 -34.00 -5.00 -35.24
C VAL A 79 -32.63 -4.39 -35.55
N ARG A 80 -31.96 -5.01 -36.53
CA ARG A 80 -30.63 -4.56 -36.96
C ARG A 80 -30.69 -3.12 -37.44
N ARG A 81 -31.71 -2.83 -38.24
CA ARG A 81 -31.95 -1.49 -38.78
C ARG A 81 -32.02 -0.46 -37.64
N ARG A 82 -32.57 -0.81 -36.48
CA ARG A 82 -32.75 0.13 -35.37
C ARG A 82 -31.57 0.15 -34.40
N LEU A 83 -30.38 -0.21 -34.90
CA LEU A 83 -29.18 -0.29 -34.09
C LEU A 83 -28.03 0.38 -34.83
N THR A 84 -27.32 1.24 -34.10
CA THR A 84 -26.14 1.94 -34.58
C THR A 84 -24.99 1.81 -33.58
N LEU A 85 -23.79 1.61 -34.16
CA LEU A 85 -22.56 1.41 -33.40
C LEU A 85 -21.50 2.43 -33.81
N LEU A 86 -20.99 3.18 -32.83
CA LEU A 86 -20.18 4.36 -33.06
C LEU A 86 -19.00 4.40 -32.10
N THR A 87 -17.89 4.93 -32.62
CA THR A 87 -16.65 5.08 -31.89
C THR A 87 -16.14 6.52 -31.96
N PRO A 88 -15.93 7.14 -30.79
CA PRO A 88 -15.15 8.37 -30.66
C PRO A 88 -13.87 8.34 -31.48
N ALA A 89 -13.56 9.50 -32.05
CA ALA A 89 -12.36 9.72 -32.85
C ALA A 89 -11.11 9.61 -31.99
N SER A 90 -11.24 9.79 -30.67
CA SER A 90 -10.12 9.62 -29.76
C SER A 90 -9.91 8.15 -29.43
N ARG A 91 -8.65 7.73 -29.50
CA ARG A 91 -8.30 6.36 -29.16
C ARG A 91 -7.35 6.40 -27.97
N ALA A 92 -7.20 7.58 -27.36
CA ALA A 92 -6.50 7.71 -26.08
C ALA A 92 -7.31 7.01 -25.00
N ALA A 93 -6.61 6.41 -24.02
CA ALA A 93 -7.24 5.64 -22.96
C ALA A 93 -7.74 6.57 -21.86
N ARG A 94 -8.97 7.08 -22.06
CA ARG A 94 -9.62 7.97 -21.13
C ARG A 94 -11.08 7.54 -20.99
N PRO A 95 -11.80 8.00 -19.95
CA PRO A 95 -13.23 7.69 -19.84
C PRO A 95 -13.94 7.98 -21.15
N LEU A 96 -14.89 7.11 -21.48
CA LEU A 96 -15.51 7.08 -22.79
C LEU A 96 -16.33 8.33 -23.00
N ASP A 97 -17.06 8.75 -21.96
CA ASP A 97 -17.97 9.88 -22.04
C ASP A 97 -17.21 11.14 -22.45
N SER A 98 -16.05 11.33 -21.81
CA SER A 98 -15.17 12.47 -22.07
C SER A 98 -14.76 12.51 -23.54
N LEU A 99 -14.36 11.32 -24.01
CA LEU A 99 -13.92 11.12 -25.39
C LEU A 99 -15.03 11.52 -26.35
N VAL A 100 -16.24 11.05 -26.04
CA VAL A 100 -17.43 11.31 -26.83
C VAL A 100 -17.66 12.82 -26.94
N LEU A 101 -17.57 13.47 -25.78
CA LEU A 101 -17.77 14.91 -25.66
C LEU A 101 -16.78 15.65 -26.56
N GLU A 102 -15.52 15.21 -26.48
CA GLU A 102 -14.45 15.78 -27.28
C GLU A 102 -14.77 15.73 -28.78
N ASP A 103 -15.40 14.66 -29.26
CA ASP A 103 -15.77 14.54 -30.67
C ASP A 103 -17.07 15.30 -30.95
N GLU A 104 -16.92 16.56 -31.41
CA GLU A 104 -18.02 17.47 -31.59
C GLU A 104 -19.05 16.85 -32.54
N ALA A 105 -18.53 16.31 -33.65
CA ALA A 105 -19.34 15.77 -34.73
C ALA A 105 -20.25 14.67 -34.19
N LEU A 106 -19.64 13.78 -33.41
CA LEU A 106 -20.33 12.64 -32.83
C LEU A 106 -21.50 13.12 -31.96
N VAL A 107 -21.18 14.14 -31.14
CA VAL A 107 -22.14 14.73 -30.22
C VAL A 107 -23.33 15.28 -31.00
N GLU A 108 -23.01 15.99 -32.08
CA GLU A 108 -24.00 16.60 -32.97
C GLU A 108 -24.94 15.53 -33.52
N THR A 109 -24.31 14.44 -33.99
CA THR A 109 -25.03 13.32 -34.56
C THR A 109 -26.03 12.75 -33.55
N LEU A 110 -25.52 12.58 -32.33
CA LEU A 110 -26.30 12.04 -31.21
C LEU A 110 -27.53 12.91 -30.97
N ARG A 111 -27.27 14.22 -30.94
CA ARG A 111 -28.31 15.22 -30.71
C ARG A 111 -29.40 15.09 -31.77
N ARG A 112 -28.94 14.99 -33.02
CA ARG A 112 -29.82 14.88 -34.17
C ARG A 112 -30.72 13.65 -34.03
N ALA A 113 -30.09 12.54 -33.65
CA ALA A 113 -30.76 11.26 -33.45
C ALA A 113 -31.86 11.40 -32.41
N VAL A 114 -31.50 12.06 -31.30
CA VAL A 114 -32.41 12.27 -30.19
C VAL A 114 -33.63 13.06 -30.67
N ALA A 115 -33.34 14.12 -31.43
CA ALA A 115 -34.37 15.00 -31.98
C ALA A 115 -35.35 14.21 -32.85
N GLU A 116 -34.77 13.36 -33.69
CA GLU A 116 -35.50 12.51 -34.62
C GLU A 116 -36.56 11.71 -33.87
N ARG A 117 -36.31 11.40 -32.59
CA ARG A 117 -37.28 10.62 -31.86
C ARG A 117 -38.01 11.41 -30.78
N PRO A 118 -39.28 11.03 -30.48
CA PRO A 118 -39.99 11.49 -29.28
C PRO A 118 -39.19 11.68 -27.99
N ALA A 119 -38.40 10.68 -27.63
CA ALA A 119 -37.85 10.54 -26.28
C ALA A 119 -36.38 10.16 -26.32
N GLY A 120 -35.65 10.73 -25.34
CA GLY A 120 -34.21 10.56 -25.22
C GLY A 120 -33.82 10.09 -23.82
N THR A 121 -33.04 9.01 -23.79
CA THR A 121 -32.47 8.43 -22.60
C THR A 121 -31.00 8.11 -22.89
N ILE A 122 -30.13 8.46 -21.94
CA ILE A 122 -28.72 8.09 -21.97
C ILE A 122 -28.43 7.01 -20.92
N VAL A 123 -27.85 5.90 -21.38
CA VAL A 123 -27.63 4.70 -20.57
C VAL A 123 -26.15 4.60 -20.16
N ASP A 124 -25.90 4.82 -18.86
CA ASP A 124 -24.57 5.05 -18.34
C ASP A 124 -24.26 4.23 -17.08
N PHE A 125 -22.97 4.18 -16.76
CA PHE A 125 -22.59 3.44 -15.57
C PHE A 125 -22.83 4.28 -14.32
N SER A 126 -22.00 5.32 -14.15
CA SER A 126 -22.16 6.28 -13.07
C SER A 126 -22.33 7.66 -13.68
N ALA A 127 -23.17 8.48 -13.03
CA ALA A 127 -23.43 9.85 -13.42
C ALA A 127 -22.14 10.64 -13.26
N SER A 128 -21.86 11.50 -14.24
CA SER A 128 -20.55 12.15 -14.32
C SER A 128 -20.70 13.50 -15.00
N PRO A 129 -19.69 14.39 -14.90
CA PRO A 129 -19.80 15.70 -15.52
C PRO A 129 -20.12 15.49 -17.00
N ALA A 130 -19.28 14.64 -17.62
CA ALA A 130 -19.27 14.46 -19.07
C ALA A 130 -20.65 13.98 -19.53
N THR A 131 -21.16 12.97 -18.79
CA THR A 131 -22.45 12.37 -19.13
C THR A 131 -23.56 13.43 -19.05
N ASP A 132 -23.49 14.24 -17.99
CA ASP A 132 -24.46 15.31 -17.77
C ASP A 132 -24.44 16.28 -18.95
N GLU A 133 -23.24 16.64 -19.35
CA GLU A 133 -23.01 17.56 -20.47
C GLU A 133 -23.66 17.02 -21.73
N LEU A 134 -23.41 15.73 -21.97
CA LEU A 134 -23.94 15.02 -23.13
C LEU A 134 -25.47 15.09 -23.14
N GLY A 135 -26.04 14.82 -21.97
CA GLY A 135 -27.48 14.84 -21.77
C GLY A 135 -28.05 16.21 -22.12
N ARG A 136 -27.37 17.23 -21.62
CA ARG A 136 -27.76 18.62 -21.84
C ARG A 136 -27.76 18.93 -23.34
N ARG A 137 -26.61 18.59 -23.95
CA ARG A 137 -26.21 19.04 -25.27
C ARG A 137 -26.81 18.16 -26.36
N THR A 138 -27.50 17.07 -25.97
CA THR A 138 -28.12 16.16 -26.92
C THR A 138 -29.63 16.08 -26.71
N GLY A 139 -30.09 16.50 -25.52
CA GLY A 139 -31.51 16.47 -25.21
C GLY A 139 -31.96 15.10 -24.74
N ALA A 140 -30.98 14.23 -24.44
CA ALA A 140 -31.26 12.97 -23.77
C ALA A 140 -30.92 13.11 -22.30
N THR A 141 -31.85 12.64 -21.47
CA THR A 141 -31.75 12.71 -20.02
C THR A 141 -31.09 11.43 -19.53
N PRO A 142 -29.82 11.46 -19.05
CA PRO A 142 -29.15 10.27 -18.51
C PRO A 142 -30.02 9.47 -17.56
N GLU A 143 -30.07 8.15 -17.80
CA GLU A 143 -30.92 7.19 -17.09
C GLU A 143 -30.38 7.04 -15.67
N GLU A 144 -29.11 7.47 -15.50
CA GLU A 144 -28.38 7.28 -14.26
C GLU A 144 -27.35 8.41 -14.14
N GLY A 145 -27.70 9.58 -14.68
CA GLY A 145 -26.99 10.83 -14.45
C GLY A 145 -27.70 11.66 -13.38
N ASP A 146 -26.97 12.63 -12.83
CA ASP A 146 -27.41 13.49 -11.74
C ASP A 146 -26.18 13.77 -10.89
N HIS A 147 -25.24 14.58 -11.41
CA HIS A 147 -23.85 14.45 -10.99
C HIS A 147 -23.72 14.93 -9.54
N ALA A 148 -24.28 16.12 -9.31
CA ALA A 148 -24.15 16.81 -8.03
C ALA A 148 -24.71 15.95 -6.91
N PHE A 149 -25.90 15.40 -7.18
CA PHE A 149 -26.62 14.55 -6.24
C PHE A 149 -25.75 13.34 -5.87
N VAL A 150 -25.18 12.74 -6.92
CA VAL A 150 -24.34 11.57 -6.77
C VAL A 150 -23.14 11.88 -5.87
N ALA A 151 -22.53 13.03 -6.14
CA ALA A 151 -21.38 13.52 -5.39
C ALA A 151 -21.73 13.66 -3.91
N ARG A 152 -22.90 14.26 -3.68
CA ARG A 152 -23.41 14.49 -2.33
C ARG A 152 -23.56 13.16 -1.58
N TRP A 153 -24.20 12.16 -2.22
CA TRP A 153 -24.85 11.10 -1.46
C TRP A 153 -24.25 9.71 -1.66
N GLY A 154 -23.48 9.54 -2.74
CA GLY A 154 -22.83 8.28 -3.04
C GLY A 154 -21.48 8.20 -2.31
N SER A 155 -21.08 9.31 -1.69
CA SER A 155 -19.85 9.40 -0.89
C SER A 155 -19.94 8.43 0.28
N LYS A 156 -18.79 8.18 0.94
CA LYS A 156 -18.79 7.14 1.96
C LYS A 156 -19.76 7.58 3.07
N SER A 157 -19.50 8.81 3.55
CA SER A 157 -20.20 9.37 4.69
C SER A 157 -21.70 9.44 4.40
N GLY A 158 -22.00 9.95 3.21
CA GLY A 158 -23.38 10.11 2.74
C GLY A 158 -24.09 8.76 2.74
N GLY A 159 -23.39 7.77 2.19
CA GLY A 159 -23.90 6.42 2.08
C GLY A 159 -24.24 5.87 3.47
N LYS A 160 -23.30 6.09 4.39
CA LYS A 160 -23.43 5.64 5.77
C LYS A 160 -24.68 6.24 6.40
N GLU A 161 -24.84 7.55 6.17
CA GLU A 161 -25.96 8.31 6.70
C GLU A 161 -27.29 7.71 6.21
N ILE A 162 -27.29 7.44 4.89
CA ILE A 162 -28.48 6.88 4.25
C ILE A 162 -28.83 5.53 4.87
N CYS A 163 -27.80 4.72 5.07
CA CYS A 163 -27.93 3.39 5.66
C CYS A 163 -28.56 3.49 7.03
N LEU A 164 -28.04 4.43 7.82
CA LEU A 164 -28.48 4.69 9.19
C LEU A 164 -29.98 5.02 9.18
N ARG A 165 -30.33 5.91 8.25
CA ARG A 165 -31.71 6.37 8.12
C ARG A 165 -32.64 5.20 7.79
N ALA A 166 -32.17 4.34 6.88
CA ALA A 166 -32.91 3.18 6.43
C ALA A 166 -33.13 2.23 7.60
N GLY A 167 -32.25 2.26 8.61
CA GLY A 167 -32.19 1.22 9.63
C GLY A 167 -31.50 -0.03 9.11
N VAL A 168 -30.56 0.14 8.20
CA VAL A 168 -29.70 -0.95 7.77
C VAL A 168 -28.42 -0.93 8.61
N ALA A 169 -28.05 -2.09 9.14
CA ALA A 169 -26.90 -2.21 10.02
C ALA A 169 -25.63 -1.72 9.32
N VAL A 170 -24.92 -0.80 9.97
CA VAL A 170 -23.63 -0.34 9.46
C VAL A 170 -22.53 -0.82 10.41
N PRO A 171 -21.24 -0.77 10.03
CA PRO A 171 -20.16 -1.01 11.00
C PRO A 171 -20.09 0.22 11.91
N GLY A 172 -19.67 -0.01 13.15
CA GLY A 172 -19.51 1.07 14.10
C GLY A 172 -18.65 2.19 13.51
N GLY A 173 -19.21 3.40 13.46
CA GLY A 173 -18.49 4.58 13.01
C GLY A 173 -19.38 5.80 12.87
N THR A 174 -18.75 6.98 12.71
CA THR A 174 -19.52 8.19 12.46
C THR A 174 -19.68 8.32 10.96
N SER A 175 -20.53 9.28 10.60
CA SER A 175 -20.76 9.66 9.23
C SER A 175 -20.29 11.09 9.02
N GLU A 176 -19.08 11.38 9.53
CA GLU A 176 -18.55 12.73 9.60
C GLU A 176 -17.16 12.80 8.98
N VAL A 177 -17.01 13.76 8.07
CA VAL A 177 -15.76 14.05 7.38
C VAL A 177 -14.69 14.50 8.38
N LEU A 178 -13.45 14.10 8.07
CA LEU A 178 -12.29 14.38 8.92
C LEU A 178 -11.18 15.06 8.11
N ARG A 179 -11.30 16.39 8.02
CA ARG A 179 -10.46 17.18 7.14
C ARG A 179 -9.02 17.26 7.65
N SER A 180 -8.68 16.60 8.77
CA SER A 180 -7.32 16.62 9.27
C SER A 180 -6.93 15.28 9.89
N GLU A 181 -5.62 15.05 9.98
CA GLU A 181 -5.07 13.84 10.56
C GLU A 181 -5.47 13.72 12.02
N ALA A 182 -5.44 14.84 12.73
CA ALA A 182 -5.76 14.87 14.15
C ALA A 182 -7.20 14.35 14.37
N GLU A 183 -8.10 14.86 13.53
CA GLU A 183 -9.51 14.49 13.59
C GLU A 183 -9.67 12.98 13.39
N VAL A 184 -8.95 12.47 12.40
CA VAL A 184 -8.95 11.06 12.04
C VAL A 184 -8.51 10.22 13.24
N VAL A 185 -7.43 10.68 13.86
CA VAL A 185 -6.85 10.01 15.02
C VAL A 185 -7.87 9.93 16.16
N GLU A 186 -8.55 11.06 16.37
CA GLU A 186 -9.57 11.19 17.40
C GLU A 186 -10.69 10.17 17.16
N ALA A 187 -11.11 10.10 15.89
CA ALA A 187 -12.16 9.19 15.46
C ALA A 187 -11.77 7.74 15.77
N ILE A 188 -10.51 7.43 15.42
CA ILE A 188 -9.93 6.11 15.59
C ILE A 188 -9.96 5.74 17.07
N HIS A 189 -9.55 6.69 17.94
CA HIS A 189 -9.52 6.47 19.37
C HIS A 189 -10.82 6.98 19.97
N ARG A 190 -11.91 6.23 19.79
CA ARG A 190 -13.24 6.60 20.26
C ARG A 190 -14.19 5.58 19.68
N LEU A 191 -13.67 4.39 19.42
CA LEU A 191 -14.39 3.39 18.66
C LEU A 191 -14.89 2.28 19.56
N SER A 192 -15.25 1.14 18.93
CA SER A 192 -16.00 0.07 19.59
C SER A 192 -15.06 -1.02 20.08
N CYS A 193 -13.81 -0.98 19.60
CA CYS A 193 -12.90 -2.11 19.77
C CYS A 193 -13.68 -3.40 19.58
N GLY A 194 -13.63 -4.27 20.61
CA GLY A 194 -14.12 -5.62 20.48
C GLY A 194 -12.93 -6.58 20.37
N THR A 195 -13.05 -7.74 21.01
CA THR A 195 -11.97 -8.71 21.02
C THR A 195 -11.53 -8.95 19.58
N ALA A 196 -10.23 -8.73 19.33
CA ALA A 196 -9.65 -8.83 18.00
C ALA A 196 -8.17 -9.14 18.15
N ALA A 197 -7.75 -10.29 17.61
CA ALA A 197 -6.35 -10.66 17.51
C ALA A 197 -5.51 -9.42 17.23
N ALA A 198 -5.85 -8.68 16.17
CA ALA A 198 -5.15 -7.46 15.80
C ALA A 198 -6.12 -6.31 15.57
N ARG A 199 -6.61 -5.74 16.68
CA ARG A 199 -7.60 -4.67 16.68
C ARG A 199 -7.20 -3.55 15.72
N ARG A 200 -8.12 -3.20 14.82
CA ARG A 200 -7.84 -2.36 13.67
C ARG A 200 -8.93 -1.31 13.45
N ALA A 201 -8.49 -0.23 12.80
CA ALA A 201 -9.33 0.87 12.34
C ALA A 201 -9.08 1.20 10.87
N MET A 202 -10.17 1.63 10.22
CA MET A 202 -10.18 1.88 8.78
C MET A 202 -10.76 3.26 8.48
N VAL A 203 -10.01 4.00 7.66
CA VAL A 203 -10.33 5.37 7.27
C VAL A 203 -10.64 5.41 5.78
N LYS A 204 -11.88 5.79 5.40
CA LYS A 204 -12.32 5.68 4.02
C LYS A 204 -12.55 7.07 3.43
N LEU A 205 -11.70 7.45 2.46
CA LEU A 205 -11.73 8.77 1.87
C LEU A 205 -13.09 9.03 1.24
N ASP A 206 -13.69 10.18 1.60
CA ASP A 206 -15.12 10.40 1.44
C ASP A 206 -15.58 10.46 -0.02
N ALA A 207 -14.73 11.01 -0.90
CA ALA A 207 -15.10 11.23 -2.30
C ALA A 207 -15.56 9.94 -2.97
N ILE A 208 -16.40 10.09 -4.02
CA ILE A 208 -16.88 8.96 -4.80
C ILE A 208 -15.89 8.65 -5.93
N THR A 209 -14.98 9.59 -6.19
CA THR A 209 -13.89 9.43 -7.13
C THR A 209 -13.01 8.26 -6.67
N TRP A 210 -12.99 8.02 -5.35
CA TRP A 210 -12.15 7.04 -4.70
C TRP A 210 -12.88 5.72 -4.49
N ALA A 211 -13.94 5.49 -5.29
CA ALA A 211 -14.83 4.36 -5.12
C ALA A 211 -14.01 3.07 -4.97
N ALA A 212 -14.57 2.13 -4.21
CA ALA A 212 -13.91 0.88 -3.90
C ALA A 212 -12.59 1.16 -3.19
N SER A 213 -11.62 0.26 -3.41
CA SER A 213 -10.57 0.06 -2.42
C SER A 213 -9.28 0.76 -2.84
N ILE A 214 -9.37 2.06 -3.11
CA ILE A 214 -8.17 2.86 -3.29
C ILE A 214 -8.14 3.88 -2.18
N GLY A 215 -9.34 4.34 -1.82
CA GLY A 215 -9.57 5.35 -0.80
C GLY A 215 -9.38 4.75 0.59
N ASN A 216 -10.08 3.64 0.82
CA ASN A 216 -10.03 2.91 2.09
C ASN A 216 -8.58 2.70 2.51
N VAL A 217 -8.24 3.17 3.72
CA VAL A 217 -6.93 3.03 4.31
C VAL A 217 -7.13 2.55 5.75
N LEU A 218 -6.27 1.59 6.14
CA LEU A 218 -6.42 0.80 7.35
C LEU A 218 -5.16 0.89 8.22
N ILE A 219 -5.42 1.18 9.50
CA ILE A 219 -4.41 1.42 10.51
C ILE A 219 -4.71 0.57 11.74
N ASP A 220 -3.67 -0.15 12.20
CA ASP A 220 -3.75 -0.91 13.45
C ASP A 220 -3.43 0.01 14.62
N ARG A 221 -4.38 0.12 15.56
CA ARG A 221 -4.37 1.13 16.60
C ARG A 221 -3.15 1.03 17.50
N ASP A 222 -2.57 -0.17 17.63
CA ASP A 222 -1.41 -0.42 18.46
C ASP A 222 -0.25 0.49 18.01
N LYS A 223 -0.05 0.48 16.68
CA LYS A 223 1.03 1.25 16.08
C LYS A 223 0.80 2.73 16.32
N LEU A 224 -0.45 3.18 16.20
CA LEU A 224 -0.84 4.57 16.38
C LEU A 224 -0.47 4.99 17.81
N ARG A 225 -0.83 4.12 18.79
CA ARG A 225 -0.83 4.54 20.17
C ARG A 225 0.61 4.79 20.60
N HIS A 226 1.53 4.35 19.74
CA HIS A 226 2.96 4.42 20.00
C HIS A 226 3.56 5.56 19.18
N THR A 227 3.09 5.72 17.94
CA THR A 227 3.58 6.73 17.02
C THR A 227 2.39 7.52 16.47
N GLY A 228 2.33 8.81 16.79
CA GLY A 228 1.12 9.60 16.57
C GLY A 228 0.62 9.71 15.14
N ASP A 229 1.44 9.35 14.13
CA ASP A 229 1.14 9.67 12.73
C ASP A 229 0.36 8.57 12.01
N LEU A 230 -0.68 8.97 11.26
CA LEU A 230 -1.56 8.09 10.49
C LEU A 230 -0.77 7.18 9.55
N VAL A 231 0.17 7.77 8.81
CA VAL A 231 0.80 7.04 7.72
C VAL A 231 2.08 6.38 8.25
N GLY A 232 2.26 6.47 9.56
CA GLY A 232 3.32 5.74 10.25
C GLY A 232 2.81 4.38 10.73
N SER A 233 1.49 4.28 10.88
CA SER A 233 0.84 3.10 11.43
C SER A 233 -0.06 2.42 10.40
N ALA A 234 0.11 2.79 9.12
CA ALA A 234 -0.71 2.24 8.06
C ALA A 234 -0.26 0.82 7.76
N GLU A 235 -1.19 -0.13 7.90
CA GLU A 235 -0.96 -1.51 7.55
C GLU A 235 -1.31 -1.73 6.08
N VAL A 236 -2.28 -0.95 5.57
CA VAL A 236 -2.59 -0.98 4.15
C VAL A 236 -2.92 0.43 3.66
N ILE A 237 -1.96 1.05 2.96
CA ILE A 237 -2.22 2.29 2.23
C ILE A 237 -1.84 2.08 0.77
N ARG A 238 -2.78 2.37 -0.12
CA ARG A 238 -2.57 2.15 -1.54
C ARG A 238 -2.44 3.48 -2.27
N LEU A 239 -2.54 4.57 -1.49
CA LEU A 239 -2.30 5.91 -1.97
C LEU A 239 -0.87 6.35 -1.66
N PRO A 240 -0.20 7.05 -2.60
CA PRO A 240 1.00 7.83 -2.26
C PRO A 240 0.62 8.70 -1.08
N ALA A 241 1.47 8.68 -0.05
CA ALA A 241 1.12 9.26 1.23
C ALA A 241 0.61 10.68 1.05
N GLU A 242 1.36 11.43 0.24
CA GLU A 242 1.11 12.84 -0.03
C GLU A 242 -0.31 13.02 -0.58
N GLU A 243 -0.62 12.17 -1.57
CA GLU A 243 -1.93 12.23 -2.23
C GLU A 243 -3.04 11.99 -1.22
N PHE A 244 -2.82 10.99 -0.36
CA PHE A 244 -3.78 10.63 0.68
C PHE A 244 -4.03 11.82 1.60
N ARG A 245 -2.94 12.46 1.99
CA ARG A 245 -2.96 13.62 2.87
C ARG A 245 -3.80 14.73 2.24
N ARG A 246 -3.54 14.96 0.95
CA ARG A 246 -4.22 15.99 0.18
C ARG A 246 -5.73 15.72 0.18
N GLU A 247 -6.07 14.46 -0.07
CA GLU A 247 -7.45 14.01 -0.11
C GLU A 247 -8.14 14.30 1.22
N LEU A 248 -7.44 13.96 2.29
CA LEU A 248 -7.93 14.15 3.65
C LEU A 248 -8.23 15.63 3.89
N ALA A 249 -7.28 16.46 3.46
CA ALA A 249 -7.38 17.91 3.63
C ALA A 249 -8.63 18.43 2.91
N GLU A 250 -8.82 17.92 1.67
CA GLU A 250 -9.67 18.64 0.72
C GLU A 250 -11.05 18.03 0.67
N GLN A 251 -11.14 16.70 0.77
CA GLN A 251 -12.40 15.99 0.69
C GLN A 251 -12.65 15.28 2.03
N GLY A 252 -11.56 14.77 2.60
CA GLY A 252 -11.61 14.06 3.87
C GLY A 252 -12.05 12.59 3.78
N ALA A 253 -12.18 12.01 4.97
CA ALA A 253 -12.48 10.60 5.15
C ALA A 253 -13.54 10.49 6.22
N ILE A 254 -13.88 9.23 6.50
CA ILE A 254 -14.84 8.81 7.49
C ILE A 254 -14.25 7.57 8.14
N VAL A 255 -14.55 7.40 9.45
CA VAL A 255 -13.89 6.36 10.23
C VAL A 255 -14.82 5.22 10.65
N GLU A 256 -14.42 4.01 10.22
CA GLU A 256 -15.17 2.79 10.43
C GLU A 256 -14.25 1.70 10.99
N GLU A 257 -14.87 0.88 11.83
CA GLU A 257 -14.21 -0.26 12.43
C GLU A 257 -14.04 -1.39 11.42
N PHE A 258 -12.85 -1.98 11.44
CA PHE A 258 -12.51 -3.09 10.56
C PHE A 258 -12.97 -4.43 11.15
N LEU A 259 -14.19 -4.84 10.73
CA LEU A 259 -14.76 -6.14 11.04
C LEU A 259 -13.81 -7.25 10.57
N GLU A 260 -13.46 -8.16 11.47
CA GLU A 260 -12.31 -9.03 11.26
C GLU A 260 -12.70 -10.25 10.45
N GLU A 261 -13.70 -10.98 10.96
CA GLU A 261 -14.04 -12.29 10.44
C GLU A 261 -15.20 -12.16 9.46
N ILE A 262 -14.87 -12.14 8.17
CA ILE A 262 -15.87 -11.96 7.11
C ILE A 262 -16.03 -13.29 6.37
N THR A 263 -17.26 -13.78 6.26
CA THR A 263 -17.56 -15.09 5.67
C THR A 263 -18.08 -14.92 4.23
N ASP A 264 -19.06 -14.03 4.05
CA ASP A 264 -19.60 -13.65 2.75
C ASP A 264 -19.68 -12.12 2.61
N SER A 265 -19.75 -11.70 1.34
CA SER A 265 -19.91 -10.31 0.97
C SER A 265 -21.03 -10.16 -0.04
N PRO A 266 -22.32 -10.28 0.39
CA PRO A 266 -23.46 -10.11 -0.52
C PRO A 266 -23.74 -8.67 -1.01
N SER A 267 -24.47 -8.61 -2.13
CA SER A 267 -24.85 -7.35 -2.74
C SER A 267 -26.34 -7.30 -3.06
N GLY A 268 -26.83 -6.06 -2.98
CA GLY A 268 -28.23 -5.73 -3.19
C GLY A 268 -28.35 -4.58 -4.19
N LEU A 269 -29.26 -4.79 -5.15
CA LEU A 269 -29.39 -3.93 -6.33
C LEU A 269 -30.83 -3.42 -6.46
N GLY A 270 -30.92 -2.10 -6.60
CA GLY A 270 -32.16 -1.37 -6.52
C GLY A 270 -32.30 -0.38 -7.66
N HIS A 271 -33.56 -0.25 -8.09
CA HIS A 271 -33.99 0.70 -9.11
C HIS A 271 -35.15 1.55 -8.58
N ILE A 272 -34.98 2.87 -8.67
CA ILE A 272 -36.04 3.83 -8.45
C ILE A 272 -36.60 4.28 -9.80
N GLU A 273 -37.93 4.11 -9.99
CA GLU A 273 -38.62 4.66 -11.13
C GLU A 273 -38.66 6.15 -10.86
N ARG A 274 -39.10 6.91 -11.86
CA ARG A 274 -39.22 8.35 -11.80
C ARG A 274 -40.38 8.75 -10.89
N ASP A 275 -41.35 7.85 -10.68
CA ASP A 275 -42.48 8.13 -9.80
C ASP A 275 -42.20 7.57 -8.41
N GLY A 276 -40.91 7.42 -8.08
CA GLY A 276 -40.47 7.04 -6.74
C GLY A 276 -40.55 5.54 -6.48
N THR A 277 -41.08 4.79 -7.45
CA THR A 277 -41.30 3.36 -7.28
C THR A 277 -39.95 2.67 -7.16
N VAL A 278 -39.71 2.05 -5.99
CA VAL A 278 -38.50 1.32 -5.71
C VAL A 278 -38.75 -0.14 -6.08
N ARG A 279 -37.74 -0.74 -6.74
CA ARG A 279 -37.76 -2.14 -7.11
C ARG A 279 -36.48 -2.84 -6.63
N VAL A 280 -36.68 -3.93 -5.88
CA VAL A 280 -35.62 -4.84 -5.52
C VAL A 280 -35.33 -5.58 -6.82
N VAL A 281 -34.24 -5.20 -7.48
CA VAL A 281 -33.92 -5.84 -8.75
C VAL A 281 -33.41 -7.24 -8.44
N ALA A 282 -32.30 -7.33 -7.69
CA ALA A 282 -31.67 -8.61 -7.47
C ALA A 282 -30.76 -8.56 -6.26
N CYS A 283 -30.49 -9.76 -5.76
CA CYS A 283 -29.48 -10.01 -4.74
C CYS A 283 -28.52 -11.11 -5.20
N HIS A 284 -27.22 -10.80 -5.06
CA HIS A 284 -26.14 -11.72 -5.33
C HIS A 284 -25.20 -11.82 -4.13
N ASP A 285 -24.24 -12.74 -4.32
CA ASP A 285 -23.13 -13.00 -3.41
C ASP A 285 -21.81 -12.74 -4.14
N GLN A 286 -21.48 -11.44 -4.19
CA GLN A 286 -20.20 -10.94 -4.66
C GLN A 286 -19.09 -11.57 -3.84
N VAL A 287 -17.90 -11.63 -4.43
CA VAL A 287 -16.71 -12.08 -3.74
C VAL A 287 -15.60 -11.09 -4.08
N LEU A 288 -15.35 -10.15 -3.16
CA LEU A 288 -14.45 -9.04 -3.43
C LEU A 288 -13.22 -9.55 -4.19
N SER A 289 -12.63 -10.64 -3.71
CA SER A 289 -11.53 -11.34 -4.37
C SER A 289 -10.47 -10.34 -4.84
N GLY A 290 -9.86 -9.66 -3.86
CA GLY A 290 -8.93 -8.58 -4.12
C GLY A 290 -9.65 -7.34 -4.67
N GLY A 291 -10.98 -7.32 -4.53
CA GLY A 291 -11.79 -6.18 -4.91
C GLY A 291 -11.99 -6.02 -6.42
N GLN A 292 -11.20 -6.76 -7.24
CA GLN A 292 -11.35 -6.76 -8.69
C GLN A 292 -12.56 -7.59 -9.10
N TYR A 293 -13.35 -8.01 -8.10
CA TYR A 293 -14.62 -8.73 -8.26
C TYR A 293 -14.50 -9.73 -9.41
N TRP A 294 -13.45 -10.56 -9.36
CA TRP A 294 -13.26 -11.45 -10.49
C TRP A 294 -14.54 -12.24 -10.75
N GLY A 295 -15.60 -11.91 -9.97
CA GLY A 295 -16.95 -12.34 -10.30
C GLY A 295 -17.96 -12.33 -9.14
N CYS A 296 -19.02 -13.12 -9.32
CA CYS A 296 -20.16 -13.18 -8.44
C CYS A 296 -21.15 -14.26 -8.89
N ARG A 297 -22.05 -14.59 -7.94
CA ARG A 297 -23.06 -15.62 -8.11
C ARG A 297 -24.44 -15.12 -7.69
N PHE A 298 -25.43 -15.73 -8.37
CA PHE A 298 -26.85 -15.52 -8.08
C PHE A 298 -27.62 -16.84 -7.92
N PRO A 299 -28.68 -16.88 -7.06
CA PRO A 299 -29.06 -15.78 -6.17
C PRO A 299 -28.17 -15.69 -4.93
N ALA A 300 -28.51 -14.78 -4.04
CA ALA A 300 -27.79 -14.69 -2.79
C ALA A 300 -28.05 -15.96 -2.00
N ASP A 301 -27.23 -16.16 -0.95
CA ASP A 301 -27.42 -17.27 -0.03
C ASP A 301 -28.83 -17.19 0.57
N GLU A 302 -29.48 -18.35 0.60
CA GLU A 302 -30.88 -18.52 1.02
C GLU A 302 -31.13 -17.84 2.35
N ARG A 303 -30.18 -17.97 3.27
CA ARG A 303 -30.27 -17.45 4.63
C ARG A 303 -30.45 -15.94 4.63
N TRP A 304 -29.48 -15.24 4.04
CA TRP A 304 -29.50 -13.78 4.06
C TRP A 304 -30.05 -13.17 2.78
N ARG A 305 -30.76 -13.95 1.95
CA ARG A 305 -31.29 -13.34 0.73
C ARG A 305 -32.48 -12.47 1.14
N PRO A 306 -33.43 -13.13 1.86
CA PRO A 306 -34.68 -12.49 2.26
C PRO A 306 -34.39 -11.25 3.09
N GLU A 307 -33.46 -11.41 4.04
CA GLU A 307 -33.05 -10.35 4.95
C GLU A 307 -32.53 -9.14 4.14
N ILE A 308 -31.68 -9.47 3.17
CA ILE A 308 -31.05 -8.48 2.31
C ILE A 308 -32.11 -7.70 1.57
N THR A 309 -33.10 -8.42 1.03
CA THR A 309 -34.10 -7.86 0.15
C THR A 309 -34.83 -6.70 0.81
N ASP A 310 -35.28 -6.99 2.03
CA ASP A 310 -36.04 -6.04 2.84
C ASP A 310 -35.21 -4.78 3.07
N ALA A 311 -33.94 -5.01 3.43
CA ALA A 311 -32.98 -3.95 3.70
C ALA A 311 -32.85 -3.05 2.48
N VAL A 312 -32.69 -3.69 1.32
CA VAL A 312 -32.54 -3.02 0.04
C VAL A 312 -33.74 -2.14 -0.23
N ARG A 313 -34.92 -2.70 0.01
CA ARG A 313 -36.20 -2.02 -0.21
C ARG A 313 -36.24 -0.75 0.64
N ARG A 314 -35.85 -0.92 1.91
CA ARG A 314 -35.86 0.20 2.86
C ARG A 314 -34.96 1.33 2.35
N THR A 315 -33.76 0.89 1.93
CA THR A 315 -32.73 1.80 1.44
C THR A 315 -33.25 2.54 0.22
N GLY A 316 -33.90 1.81 -0.67
CA GLY A 316 -34.48 2.32 -1.91
C GLY A 316 -35.47 3.41 -1.59
N GLU A 317 -36.34 3.13 -0.60
CA GLU A 317 -37.37 4.07 -0.18
C GLU A 317 -36.73 5.39 0.28
N VAL A 318 -35.68 5.21 1.10
CA VAL A 318 -34.94 6.34 1.66
C VAL A 318 -34.36 7.19 0.52
N LEU A 319 -33.76 6.49 -0.44
CA LEU A 319 -33.11 7.15 -1.56
C LEU A 319 -34.14 7.91 -2.38
N SER A 320 -35.30 7.31 -2.58
CA SER A 320 -36.40 7.94 -3.32
C SER A 320 -36.80 9.23 -2.63
N GLY A 321 -36.93 9.16 -1.30
CA GLY A 321 -37.28 10.31 -0.47
C GLY A 321 -36.27 11.44 -0.67
N LEU A 322 -35.00 11.04 -0.62
CA LEU A 322 -33.87 11.96 -0.79
C LEU A 322 -33.97 12.60 -2.18
N GLY A 323 -34.44 11.75 -3.10
CA GLY A 323 -34.87 12.13 -4.43
C GLY A 323 -33.96 11.54 -5.51
N HIS A 324 -33.40 10.36 -5.25
CA HIS A 324 -32.56 9.75 -6.27
C HIS A 324 -33.44 8.88 -7.16
N ARG A 325 -33.32 9.10 -8.46
CA ARG A 325 -34.01 8.31 -9.46
C ARG A 325 -32.94 7.59 -10.27
N GLY A 326 -33.21 6.34 -10.65
CA GLY A 326 -32.24 5.49 -11.30
C GLY A 326 -31.96 4.23 -10.49
N ALA A 327 -30.68 3.99 -10.20
CA ALA A 327 -30.20 2.73 -9.68
C ALA A 327 -29.22 2.97 -8.54
N PHE A 328 -29.34 2.10 -7.54
CA PHE A 328 -28.53 2.12 -6.32
C PHE A 328 -28.07 0.71 -5.98
N GLY A 329 -26.93 0.70 -5.30
CA GLY A 329 -26.24 -0.51 -4.86
C GLY A 329 -25.84 -0.42 -3.40
N VAL A 330 -26.10 -1.53 -2.69
CA VAL A 330 -25.63 -1.72 -1.31
C VAL A 330 -24.74 -2.96 -1.18
N ASP A 331 -23.50 -2.71 -0.73
CA ASP A 331 -22.53 -3.75 -0.48
C ASP A 331 -22.54 -4.03 1.02
N PHE A 332 -22.48 -5.34 1.31
CA PHE A 332 -22.55 -5.88 2.65
C PHE A 332 -21.39 -6.82 2.96
N VAL A 333 -21.16 -6.94 4.27
CA VAL A 333 -20.32 -7.96 4.90
C VAL A 333 -21.10 -8.73 5.97
N VAL A 334 -20.71 -10.00 6.10
CA VAL A 334 -21.22 -10.92 7.13
C VAL A 334 -20.12 -11.23 8.14
N ALA A 335 -20.33 -10.85 9.43
CA ALA A 335 -19.24 -10.66 10.38
C ALA A 335 -19.33 -11.67 11.54
N GLY A 336 -18.95 -12.92 11.25
CA GLY A 336 -19.05 -14.00 12.20
C GLY A 336 -20.48 -14.12 12.72
N GLU A 337 -20.64 -14.02 14.04
CA GLU A 337 -21.95 -14.15 14.65
C GLU A 337 -22.60 -12.78 14.80
N ARG A 338 -21.83 -11.73 14.48
CA ARG A 338 -22.28 -10.36 14.67
C ARG A 338 -23.36 -9.98 13.65
N GLY A 339 -23.46 -10.76 12.57
CA GLY A 339 -24.50 -10.64 11.56
C GLY A 339 -24.03 -9.87 10.32
N LEU A 340 -25.00 -9.15 9.73
CA LEU A 340 -24.88 -8.59 8.38
C LEU A 340 -24.95 -7.06 8.40
N LEU A 341 -23.92 -6.45 7.83
CA LEU A 341 -23.66 -5.02 7.96
C LEU A 341 -23.37 -4.42 6.58
N ALA A 342 -24.08 -3.32 6.30
CA ALA A 342 -23.94 -2.55 5.07
C ALA A 342 -22.74 -1.63 5.19
N VAL A 343 -21.86 -1.70 4.18
CA VAL A 343 -20.53 -1.11 4.24
C VAL A 343 -20.40 0.00 3.18
N GLU A 344 -21.06 -0.23 2.04
CA GLU A 344 -21.03 0.68 0.92
C GLU A 344 -22.45 0.95 0.42
N ILE A 345 -22.58 2.19 -0.10
CA ILE A 345 -23.69 2.64 -0.93
C ILE A 345 -23.14 3.22 -2.23
N ASN A 346 -23.77 2.77 -3.33
CA ASN A 346 -23.39 3.17 -4.68
C ASN A 346 -24.57 3.79 -5.44
N LEU A 347 -24.39 5.07 -5.83
CA LEU A 347 -25.38 5.78 -6.60
C LEU A 347 -24.92 5.64 -8.04
N ARG A 348 -25.22 4.48 -8.62
CA ARG A 348 -24.76 4.08 -9.94
C ARG A 348 -25.18 2.63 -10.16
N LYS A 349 -25.06 2.17 -11.42
CA LYS A 349 -25.24 0.76 -11.71
C LYS A 349 -24.06 0.01 -11.09
N VAL A 350 -24.17 -1.31 -10.95
CA VAL A 350 -23.01 -2.00 -10.40
C VAL A 350 -22.74 -3.22 -11.27
N GLY A 351 -21.60 -3.86 -11.02
CA GLY A 351 -21.21 -5.01 -11.83
C GLY A 351 -22.39 -5.94 -12.09
N PRO A 352 -22.96 -6.53 -11.02
CA PRO A 352 -24.06 -7.47 -11.15
C PRO A 352 -25.14 -7.01 -12.11
N SER A 353 -25.37 -5.71 -12.27
CA SER A 353 -26.55 -5.20 -12.94
C SER A 353 -26.60 -5.72 -14.38
N HIS A 354 -25.45 -5.48 -15.03
CA HIS A 354 -25.29 -5.83 -16.44
C HIS A 354 -25.44 -7.34 -16.61
N VAL A 355 -24.80 -8.08 -15.67
CA VAL A 355 -24.84 -9.54 -15.70
C VAL A 355 -26.28 -10.04 -15.63
N VAL A 356 -27.03 -9.43 -14.71
CA VAL A 356 -28.41 -9.72 -14.41
C VAL A 356 -29.23 -9.53 -15.66
N ARG A 357 -28.99 -8.44 -16.41
CA ARG A 357 -29.73 -8.17 -17.63
C ARG A 357 -29.63 -9.34 -18.61
N TYR A 358 -28.35 -9.74 -18.78
CA TYR A 358 -28.01 -10.82 -19.70
C TYR A 358 -28.72 -12.11 -19.28
N ALA A 359 -28.66 -12.37 -17.97
CA ALA A 359 -29.27 -13.56 -17.37
C ALA A 359 -30.76 -13.59 -17.68
N GLU A 360 -31.39 -12.43 -17.47
CA GLU A 360 -32.82 -12.25 -17.68
C GLU A 360 -33.17 -12.58 -19.12
N ALA A 361 -32.35 -12.02 -20.03
CA ALA A 361 -32.54 -12.21 -21.46
C ALA A 361 -32.49 -13.69 -21.82
N LEU A 362 -31.48 -14.36 -21.24
CA LEU A 362 -31.26 -15.78 -21.48
C LEU A 362 -32.48 -16.58 -21.04
N VAL A 363 -32.99 -16.22 -19.85
CA VAL A 363 -34.11 -16.93 -19.25
C VAL A 363 -35.33 -16.72 -20.15
N GLY A 364 -35.55 -15.44 -20.46
CA GLY A 364 -36.74 -15.00 -21.16
C GLY A 364 -37.68 -14.23 -20.25
N ALA A 365 -37.34 -14.23 -18.94
CA ALA A 365 -38.18 -13.59 -17.94
C ALA A 365 -37.39 -12.63 -17.07
N ARG A 366 -38.13 -11.75 -16.38
CA ARG A 366 -37.60 -10.77 -15.46
C ARG A 366 -37.26 -11.49 -14.16
N VAL A 367 -36.68 -10.76 -13.20
CA VAL A 367 -36.09 -11.30 -11.98
C VAL A 367 -36.99 -12.32 -11.30
N GLY A 368 -38.31 -12.07 -11.27
CA GLY A 368 -39.27 -13.01 -10.67
C GLY A 368 -39.79 -12.57 -9.30
N ALA A 369 -41.01 -13.01 -8.98
CA ALA A 369 -41.72 -12.65 -7.75
C ALA A 369 -41.13 -11.37 -7.16
N ASP A 370 -40.53 -11.47 -5.96
CA ASP A 370 -39.79 -10.34 -5.46
C ASP A 370 -38.32 -10.72 -5.39
N GLY A 371 -38.08 -12.04 -5.40
CA GLY A 371 -36.73 -12.58 -5.39
C GLY A 371 -36.69 -13.97 -6.01
N MET A 372 -35.56 -14.27 -6.67
CA MET A 372 -35.25 -15.58 -7.23
C MET A 372 -35.96 -15.78 -8.59
N LEU A 373 -35.13 -15.79 -9.64
CA LEU A 373 -35.52 -15.96 -11.04
C LEU A 373 -35.98 -17.39 -11.27
N ARG A 374 -36.92 -17.55 -12.20
CA ARG A 374 -37.43 -18.88 -12.51
C ARG A 374 -37.78 -18.94 -13.99
N GLY A 375 -37.52 -20.10 -14.61
CA GLY A 375 -37.75 -20.31 -16.02
C GLY A 375 -39.23 -20.44 -16.37
N ALA A 376 -39.51 -20.68 -17.65
CA ALA A 376 -40.85 -20.84 -18.20
C ALA A 376 -41.65 -21.85 -17.37
N ASP A 377 -41.00 -22.98 -17.07
CA ASP A 377 -41.60 -24.12 -16.38
C ASP A 377 -41.78 -23.81 -14.90
N GLY A 378 -41.13 -22.75 -14.41
CA GLY A 378 -41.26 -22.31 -13.04
C GLY A 378 -40.04 -22.67 -12.20
N ARG A 379 -39.29 -23.67 -12.70
CA ARG A 379 -38.09 -24.21 -12.10
C ARG A 379 -37.03 -23.13 -11.96
N PRO A 380 -36.41 -23.08 -10.76
CA PRO A 380 -35.38 -22.11 -10.43
C PRO A 380 -34.17 -22.06 -11.36
N VAL A 381 -33.53 -20.90 -11.36
CA VAL A 381 -32.38 -20.62 -12.21
C VAL A 381 -31.25 -20.03 -11.36
N TYR A 382 -30.06 -20.59 -11.62
CA TYR A 382 -28.83 -20.26 -10.93
C TYR A 382 -27.74 -19.98 -11.97
N TYR A 383 -27.00 -18.89 -11.70
CA TYR A 383 -25.92 -18.44 -12.55
C TYR A 383 -24.66 -18.14 -11.74
N THR A 384 -23.54 -18.41 -12.42
CA THR A 384 -22.20 -18.06 -11.98
C THR A 384 -21.49 -17.20 -13.04
N HIS A 385 -20.99 -16.05 -12.58
CA HIS A 385 -20.39 -15.06 -13.45
C HIS A 385 -18.99 -14.68 -12.96
N GLY A 386 -18.04 -14.73 -13.89
CA GLY A 386 -16.64 -14.55 -13.61
C GLY A 386 -16.01 -13.69 -14.70
N ARG A 387 -15.11 -12.82 -14.24
CA ARG A 387 -14.04 -12.24 -15.07
C ARG A 387 -12.84 -13.18 -15.07
N LEU A 388 -12.40 -13.54 -16.29
CA LEU A 388 -11.16 -14.29 -16.47
C LEU A 388 -10.25 -13.58 -17.47
N LEU A 389 -9.00 -13.39 -17.06
CA LEU A 389 -7.96 -12.79 -17.88
C LEU A 389 -6.71 -13.67 -17.91
N GLU A 390 -6.33 -14.10 -19.12
CA GLU A 390 -5.21 -14.99 -19.33
C GLU A 390 -4.67 -14.53 -20.65
N PRO A 391 -3.78 -13.49 -20.68
CA PRO A 391 -3.19 -13.01 -21.94
C PRO A 391 -2.73 -14.22 -22.74
N GLU A 392 -2.04 -15.11 -22.03
CA GLU A 392 -1.30 -16.26 -22.52
C GLU A 392 -2.19 -17.07 -23.47
N THR A 393 -3.38 -17.44 -22.98
CA THR A 393 -4.20 -18.45 -23.63
C THR A 393 -5.35 -17.79 -24.37
N LEU A 394 -5.90 -16.74 -23.78
CA LEU A 394 -7.10 -16.19 -24.36
C LEU A 394 -6.72 -15.29 -25.51
N GLY A 395 -5.48 -14.77 -25.48
CA GLY A 395 -5.00 -13.78 -26.46
C GLY A 395 -4.84 -14.39 -27.85
N LYS A 396 -5.12 -15.70 -27.91
CA LYS A 396 -5.05 -16.50 -29.12
C LYS A 396 -6.40 -16.47 -29.81
N LEU A 397 -7.48 -16.26 -29.05
CA LEU A 397 -8.83 -16.37 -29.58
C LEU A 397 -9.30 -15.06 -30.21
N ASN A 398 -10.36 -15.16 -31.02
CA ASN A 398 -11.21 -14.04 -31.38
C ASN A 398 -12.66 -14.38 -31.02
N PRO A 399 -13.63 -13.42 -30.99
CA PRO A 399 -14.97 -13.67 -30.45
C PRO A 399 -15.54 -14.93 -31.08
N ARG A 400 -15.48 -14.90 -32.42
CA ARG A 400 -16.13 -15.90 -33.26
C ARG A 400 -15.63 -17.30 -32.90
N THR A 401 -14.30 -17.40 -32.80
CA THR A 401 -13.60 -18.63 -32.49
C THR A 401 -14.12 -19.22 -31.17
N ALA A 402 -14.17 -18.31 -30.18
CA ALA A 402 -14.57 -18.68 -28.83
C ALA A 402 -16.01 -19.22 -28.85
N VAL A 403 -16.86 -18.51 -29.60
CA VAL A 403 -18.28 -18.85 -29.67
C VAL A 403 -18.40 -20.25 -30.29
N GLU A 404 -17.62 -20.50 -31.35
CA GLU A 404 -17.74 -21.80 -32.01
C GLU A 404 -17.25 -22.91 -31.09
N ARG A 405 -16.18 -22.63 -30.35
CA ARG A 405 -15.65 -23.59 -29.37
C ARG A 405 -16.76 -23.97 -28.37
N LEU A 406 -17.44 -22.92 -27.89
CA LEU A 406 -18.50 -23.13 -26.91
C LEU A 406 -19.63 -23.98 -27.50
N ARG A 407 -19.95 -23.71 -28.78
CA ARG A 407 -21.02 -24.42 -29.45
C ARG A 407 -20.65 -25.89 -29.58
N ALA A 408 -19.37 -26.16 -29.88
CA ALA A 408 -18.92 -27.47 -30.30
C ALA A 408 -19.12 -28.46 -29.17
N GLU A 409 -18.54 -28.13 -28.02
CA GLU A 409 -18.48 -29.02 -26.87
C GLU A 409 -19.76 -28.87 -26.05
N GLY A 410 -20.82 -28.42 -26.73
CA GLY A 410 -22.16 -28.24 -26.19
C GLY A 410 -22.14 -27.43 -24.90
N LEU A 411 -21.26 -26.43 -24.84
CA LEU A 411 -21.07 -25.59 -23.66
C LEU A 411 -21.94 -24.34 -23.72
N LEU A 412 -22.21 -23.89 -24.95
CA LEU A 412 -23.00 -22.69 -25.15
C LEU A 412 -24.42 -22.91 -24.60
N TYR A 413 -25.01 -21.85 -24.05
CA TYR A 413 -26.35 -21.92 -23.49
C TYR A 413 -27.33 -22.21 -24.61
N ARG A 414 -28.18 -23.21 -24.39
CA ARG A 414 -29.28 -23.49 -25.30
C ARG A 414 -30.60 -23.22 -24.59
N HIS A 415 -31.59 -22.72 -25.34
CA HIS A 415 -32.84 -22.24 -24.77
C HIS A 415 -33.80 -23.41 -24.54
N ASP A 416 -33.54 -24.52 -25.24
CA ASP A 416 -34.37 -25.71 -25.19
C ASP A 416 -34.12 -26.50 -23.90
N THR A 417 -32.85 -26.50 -23.44
CA THR A 417 -32.43 -27.20 -22.24
C THR A 417 -32.57 -26.27 -21.04
N GLY A 418 -32.19 -25.00 -21.23
CA GLY A 418 -32.37 -23.97 -20.22
C GLY A 418 -31.14 -23.78 -19.36
N GLU A 419 -29.98 -24.24 -19.87
CA GLU A 419 -28.73 -24.17 -19.13
C GLU A 419 -27.55 -24.14 -20.08
N GLY A 420 -26.56 -23.31 -19.74
CA GLY A 420 -25.29 -23.22 -20.43
C GLY A 420 -24.56 -21.90 -20.15
N VAL A 421 -23.69 -21.56 -21.12
CA VAL A 421 -22.68 -20.52 -20.94
C VAL A 421 -22.81 -19.46 -22.05
N ALA A 422 -22.82 -18.21 -21.59
CA ALA A 422 -22.80 -17.03 -22.43
C ALA A 422 -21.67 -16.10 -21.99
N LEU A 423 -20.96 -15.62 -23.01
CA LEU A 423 -19.85 -14.68 -22.83
C LEU A 423 -20.26 -13.20 -22.96
N HIS A 424 -19.43 -12.38 -22.34
CA HIS A 424 -19.50 -10.93 -22.43
C HIS A 424 -18.14 -10.34 -22.80
N VAL A 425 -18.21 -9.18 -23.45
CA VAL A 425 -17.03 -8.34 -23.67
C VAL A 425 -16.08 -9.14 -24.55
N LEU A 426 -16.60 -9.65 -25.66
CA LEU A 426 -15.84 -10.61 -26.45
C LEU A 426 -14.66 -9.93 -27.12
N GLY A 427 -14.78 -8.60 -27.29
CA GLY A 427 -13.79 -7.83 -28.04
C GLY A 427 -12.44 -7.82 -27.33
N ALA A 428 -12.47 -8.05 -26.02
CA ALA A 428 -11.26 -8.01 -25.21
C ALA A 428 -10.44 -9.27 -25.43
N LEU A 429 -11.10 -10.32 -25.94
CA LEU A 429 -10.48 -11.61 -26.19
C LEU A 429 -9.16 -11.45 -26.94
N ASN A 430 -9.24 -10.94 -28.18
CA ASN A 430 -8.09 -10.92 -29.06
C ASN A 430 -7.01 -9.99 -28.53
N ALA A 431 -7.46 -8.95 -27.82
CA ALA A 431 -6.65 -7.77 -27.57
C ALA A 431 -6.01 -7.80 -26.19
N CYS A 432 -6.78 -8.17 -25.15
CA CYS A 432 -6.25 -8.16 -23.81
C CYS A 432 -6.25 -9.57 -23.22
N GLY A 433 -6.80 -10.53 -23.96
CA GLY A 433 -6.99 -11.86 -23.44
C GLY A 433 -7.88 -11.84 -22.20
N PHE A 434 -9.01 -11.15 -22.34
CA PHE A 434 -9.98 -10.97 -21.28
C PHE A 434 -11.39 -11.38 -21.74
N VAL A 435 -12.13 -11.97 -20.83
CA VAL A 435 -13.53 -12.25 -21.11
C VAL A 435 -14.28 -12.41 -19.78
N GLU A 436 -15.54 -11.99 -19.83
CA GLU A 436 -16.57 -12.38 -18.89
C GLU A 436 -17.28 -13.65 -19.41
N LEU A 437 -17.55 -14.56 -18.47
CA LEU A 437 -18.41 -15.71 -18.72
C LEU A 437 -19.44 -15.84 -17.61
N THR A 438 -20.65 -16.20 -18.06
CA THR A 438 -21.79 -16.48 -17.21
C THR A 438 -22.40 -17.83 -17.59
N ALA A 439 -22.67 -18.62 -16.55
CA ALA A 439 -23.12 -19.99 -16.64
C ALA A 439 -24.41 -20.19 -15.83
N LEU A 440 -25.40 -20.79 -16.53
CA LEU A 440 -26.74 -20.96 -16.00
C LEU A 440 -27.16 -22.44 -16.01
N ALA A 441 -27.57 -22.91 -14.83
CA ALA A 441 -28.07 -24.27 -14.66
C ALA A 441 -29.24 -24.39 -13.69
N ARG A 442 -29.72 -25.64 -13.65
CA ARG A 442 -30.87 -26.05 -12.86
C ARG A 442 -30.53 -26.03 -11.36
N SER A 443 -29.26 -26.29 -11.04
CA SER A 443 -28.76 -26.23 -9.68
C SER A 443 -27.49 -25.36 -9.66
N PRO A 444 -27.13 -24.69 -8.54
CA PRO A 444 -25.97 -23.79 -8.52
C PRO A 444 -24.67 -24.54 -8.74
N GLU A 445 -24.60 -25.75 -8.18
CA GLU A 445 -23.45 -26.63 -8.35
C GLU A 445 -23.23 -26.91 -9.84
N ALA A 446 -24.35 -27.23 -10.51
CA ALA A 446 -24.32 -27.54 -11.94
C ALA A 446 -23.77 -26.36 -12.73
N ALA A 447 -24.27 -25.17 -12.38
CA ALA A 447 -23.86 -23.92 -13.00
C ALA A 447 -22.34 -23.73 -12.87
N ASP A 448 -21.88 -23.96 -11.64
CA ASP A 448 -20.47 -23.83 -11.29
C ASP A 448 -19.62 -24.75 -12.17
N GLY A 449 -20.11 -25.99 -12.28
CA GLY A 449 -19.45 -27.03 -13.07
C GLY A 449 -19.33 -26.59 -14.52
N TYR A 450 -20.44 -26.06 -15.04
CA TYR A 450 -20.52 -25.57 -16.41
C TYR A 450 -19.47 -24.48 -16.65
N SER A 451 -19.41 -23.56 -15.70
CA SER A 451 -18.47 -22.44 -15.73
C SER A 451 -17.03 -22.97 -15.83
N ARG A 452 -16.76 -23.94 -14.96
CA ARG A 452 -15.44 -24.56 -14.88
C ARG A 452 -15.07 -25.19 -16.23
N ALA A 453 -16.03 -25.89 -16.80
CA ALA A 453 -15.90 -26.56 -18.09
C ALA A 453 -15.52 -25.57 -19.16
N ALA A 454 -16.26 -24.45 -19.16
CA ALA A 454 -16.07 -23.37 -20.13
C ALA A 454 -14.64 -22.85 -20.03
N GLN A 455 -14.22 -22.61 -18.78
CA GLN A 455 -12.89 -22.11 -18.48
C GLN A 455 -11.83 -23.04 -19.06
N ALA A 456 -12.04 -24.33 -18.81
CA ALA A 456 -11.13 -25.38 -19.26
C ALA A 456 -11.00 -25.34 -20.78
N LEU A 457 -12.15 -25.22 -21.43
CA LEU A 457 -12.23 -25.19 -22.89
C LEU A 457 -11.43 -24.00 -23.42
N LEU A 458 -11.61 -22.84 -22.77
CA LEU A 458 -11.11 -21.62 -23.36
C LEU A 458 -9.64 -21.42 -23.00
N THR A 459 -9.18 -21.92 -21.85
CA THR A 459 -7.83 -21.67 -21.38
C THR A 459 -6.96 -22.90 -21.60
N GLY A 460 -7.11 -23.53 -22.76
CA GLY A 460 -6.25 -24.63 -23.19
C GLY A 460 -6.02 -24.54 -24.69
N PRO A 461 -5.03 -25.25 -25.28
CA PRO A 461 -4.96 -25.40 -26.73
C PRO A 461 -5.94 -26.44 -27.25
N TYR A 462 -5.97 -26.60 -28.58
CA TYR A 462 -7.06 -27.31 -29.25
C TYR A 462 -6.61 -27.75 -30.66
N GLY B 5 48.48 14.06 9.58
CA GLY B 5 47.36 14.91 9.13
C GLY B 5 46.23 14.04 8.57
N SER B 6 45.03 14.26 9.11
CA SER B 6 43.79 13.69 8.61
C SER B 6 42.75 14.76 8.35
N THR B 7 41.97 14.54 7.28
CA THR B 7 40.73 15.27 7.00
C THR B 7 39.57 14.30 6.81
N LYS B 8 38.51 14.54 7.60
CA LYS B 8 37.30 13.74 7.57
C LYS B 8 36.07 14.62 7.36
N ILE B 9 35.26 14.19 6.40
CA ILE B 9 34.07 14.90 5.95
C ILE B 9 32.84 14.01 6.15
N LEU B 10 31.86 14.55 6.92
CA LEU B 10 30.78 13.75 7.47
C LEU B 10 29.47 14.08 6.74
N ILE B 11 28.98 13.10 5.96
CA ILE B 11 27.78 13.28 5.17
C ILE B 11 26.98 12.01 5.45
N TYR B 12 26.07 12.09 6.42
CA TYR B 12 25.37 10.93 6.94
C TYR B 12 23.97 10.96 6.34
N ALA B 13 23.91 11.26 5.04
CA ALA B 13 22.68 11.36 4.29
C ALA B 13 21.95 10.01 4.20
N PHE B 14 20.62 10.08 4.36
CA PHE B 14 19.73 8.94 4.16
C PHE B 14 19.32 8.97 2.70
N ASN B 15 20.12 8.29 1.88
CA ASN B 15 19.99 8.27 0.43
C ASN B 15 18.99 7.18 0.03
N TYR B 16 18.98 6.09 0.79
CA TYR B 16 18.14 4.93 0.54
C TYR B 16 16.69 5.25 0.91
N ALA B 17 16.45 6.47 1.43
CA ALA B 17 15.10 6.95 1.69
C ALA B 17 14.73 8.00 0.62
N ASP B 18 14.16 7.52 -0.49
CA ASP B 18 13.78 8.39 -1.61
C ASP B 18 12.40 9.00 -1.37
N ARG B 19 11.55 8.28 -0.62
CA ARG B 19 10.20 8.72 -0.31
C ARG B 19 10.18 9.35 1.08
N MET B 20 10.77 8.63 2.03
CA MET B 20 10.49 8.86 3.43
C MET B 20 10.88 10.30 3.80
N LEU B 21 11.98 10.79 3.22
CA LEU B 21 12.45 12.16 3.39
C LEU B 21 11.31 13.15 3.13
N GLU B 22 10.47 12.85 2.13
CA GLU B 22 9.35 13.73 1.79
C GLU B 22 8.15 13.52 2.71
N GLU B 23 8.24 12.57 3.65
CA GLU B 23 7.14 12.28 4.58
C GLU B 23 7.59 12.59 6.00
N VAL B 24 8.22 11.60 6.66
CA VAL B 24 8.82 11.83 7.97
C VAL B 24 9.80 12.99 7.81
N PRO B 25 9.57 14.13 8.48
CA PRO B 25 10.27 15.37 8.13
C PRO B 25 11.55 15.53 8.94
N TYR B 26 11.59 14.88 10.12
CA TYR B 26 12.72 14.97 11.03
C TYR B 26 13.95 14.37 10.36
N LEU B 27 13.75 13.88 9.13
CA LEU B 27 14.82 13.19 8.42
C LEU B 27 15.86 14.21 7.96
N ARG B 28 15.40 15.42 7.64
CA ARG B 28 16.36 16.38 7.14
C ARG B 28 17.43 16.61 8.22
N TYR B 29 17.07 16.41 9.49
CA TYR B 29 18.00 16.67 10.59
C TYR B 29 18.87 15.44 10.88
N SER B 30 18.76 14.40 10.05
CA SER B 30 19.37 13.10 10.34
C SER B 30 20.88 13.18 10.48
N ALA B 31 21.52 13.96 9.60
CA ALA B 31 22.98 13.98 9.59
C ALA B 31 23.52 14.35 10.96
N GLU B 32 22.73 15.11 11.74
CA GLU B 32 23.22 15.48 13.05
C GLU B 32 23.85 14.25 13.70
N ARG B 33 23.39 13.06 13.30
CA ARG B 33 23.89 11.81 13.87
C ARG B 33 25.42 11.82 13.86
N SER B 34 25.98 12.41 12.80
CA SER B 34 27.41 12.40 12.56
C SER B 34 28.19 13.03 13.72
N LEU B 35 27.46 13.70 14.62
CA LEU B 35 28.10 14.52 15.64
C LEU B 35 28.68 13.63 16.72
N CYS B 36 28.55 12.32 16.55
CA CYS B 36 29.11 11.35 17.49
C CYS B 36 30.60 11.20 17.20
N PHE B 37 31.04 11.72 16.04
CA PHE B 37 32.39 11.49 15.55
C PHE B 37 33.32 12.60 16.03
N LEU B 38 32.77 13.67 16.60
CA LEU B 38 33.59 14.78 17.08
C LEU B 38 34.70 14.29 18.02
N GLY B 39 34.51 13.11 18.62
CA GLY B 39 35.51 12.50 19.47
C GLY B 39 36.86 12.41 18.76
N ASP B 40 36.82 12.26 17.43
CA ASP B 40 38.01 12.12 16.61
C ASP B 40 38.92 13.32 16.81
N LEU B 41 38.33 14.50 17.05
CA LEU B 41 39.12 15.72 17.22
C LEU B 41 40.10 15.61 18.39
N ARG B 42 40.01 14.52 19.17
CA ARG B 42 40.95 14.22 20.24
C ARG B 42 42.36 14.00 19.69
N ASP B 43 42.48 13.42 18.47
CA ASP B 43 43.76 13.34 17.77
C ASP B 43 44.12 14.73 17.28
N PRO B 44 45.30 15.26 17.69
CA PRO B 44 45.72 16.62 17.33
C PRO B 44 45.70 16.87 15.83
N GLY B 45 45.76 15.78 15.05
CA GLY B 45 45.93 15.85 13.61
C GLY B 45 44.60 15.97 12.88
N THR B 46 43.61 15.20 13.35
CA THR B 46 42.30 15.13 12.73
C THR B 46 41.73 16.53 12.58
N ARG B 47 41.17 16.75 11.38
CA ARG B 47 40.37 17.92 11.04
C ARG B 47 39.03 17.44 10.45
N LEU B 48 37.94 17.99 11.00
CA LEU B 48 36.58 17.55 10.76
C LEU B 48 35.78 18.62 10.00
N VAL B 49 34.99 18.11 9.06
CA VAL B 49 33.96 18.89 8.37
C VAL B 49 32.59 18.19 8.50
N VAL B 50 31.64 18.95 9.04
CA VAL B 50 30.28 18.51 9.22
C VAL B 50 29.40 19.18 8.16
N ILE B 51 28.57 18.33 7.53
CA ILE B 51 27.60 18.77 6.54
C ILE B 51 26.21 18.23 6.89
N THR B 52 25.24 19.16 6.95
CA THR B 52 23.87 18.87 7.30
C THR B 52 23.03 19.71 6.35
N SER B 53 21.82 19.21 6.07
CA SER B 53 20.84 19.88 5.23
C SER B 53 20.34 21.18 5.89
N GLU B 54 20.42 21.22 7.23
CA GLU B 54 20.01 22.32 8.09
C GLU B 54 21.12 22.59 9.11
N ALA B 55 21.29 23.87 9.47
CA ALA B 55 22.45 24.33 10.21
C ALA B 55 22.47 23.78 11.64
N VAL B 56 23.61 23.17 12.04
CA VAL B 56 23.81 22.78 13.42
C VAL B 56 23.71 23.99 14.35
N ASP B 57 22.93 23.87 15.43
CA ASP B 57 22.63 24.96 16.35
C ASP B 57 23.73 25.10 17.41
N PRO B 58 24.16 26.35 17.73
CA PRO B 58 25.33 26.56 18.58
C PRO B 58 25.20 25.73 19.84
N ALA B 59 23.99 25.72 20.41
CA ALA B 59 23.70 25.07 21.68
C ALA B 59 24.10 23.61 21.64
N THR B 60 23.66 22.96 20.56
CA THR B 60 23.89 21.54 20.29
C THR B 60 25.41 21.27 20.32
N LEU B 61 26.10 22.13 19.57
CA LEU B 61 27.55 22.02 19.42
C LEU B 61 28.23 22.11 20.78
N ASP B 62 27.78 23.09 21.56
CA ASP B 62 28.31 23.36 22.89
C ASP B 62 28.15 22.12 23.76
N TYR B 63 26.94 21.55 23.70
CA TYR B 63 26.59 20.36 24.47
C TYR B 63 27.56 19.22 24.13
N HIS B 64 27.75 19.05 22.82
CA HIS B 64 28.59 17.97 22.30
C HIS B 64 30.02 18.14 22.84
N LEU B 65 30.49 19.40 22.78
CA LEU B 65 31.84 19.74 23.16
C LEU B 65 32.03 19.44 24.63
N ARG B 66 31.02 19.77 25.47
CA ARG B 66 31.33 19.86 26.90
C ARG B 66 30.70 18.70 27.67
N ASP B 67 29.43 18.44 27.35
CA ASP B 67 28.61 17.59 28.16
C ASP B 67 28.58 16.20 27.54
N VAL B 68 29.01 16.12 26.28
CA VAL B 68 29.13 14.84 25.61
C VAL B 68 30.59 14.39 25.67
N PHE B 69 31.46 15.07 24.92
CA PHE B 69 32.81 14.57 24.72
C PHE B 69 33.75 15.03 25.82
N ARG B 70 33.29 15.95 26.67
CA ARG B 70 34.00 16.38 27.88
C ARG B 70 35.37 16.97 27.55
N PHE B 71 35.43 17.89 26.59
CA PHE B 71 36.69 18.52 26.26
C PHE B 71 37.09 19.45 27.39
N ASP B 72 38.34 19.34 27.84
CA ASP B 72 38.91 20.25 28.84
C ASP B 72 38.99 21.66 28.25
N GLU B 73 38.88 22.67 29.12
CA GLU B 73 38.75 24.07 28.73
C GLU B 73 39.98 24.57 27.96
N PRO B 74 41.21 24.28 28.42
CA PRO B 74 42.42 24.58 27.62
C PRO B 74 42.34 24.19 26.15
N ALA B 75 42.11 22.90 25.84
CA ALA B 75 42.26 22.40 24.50
C ALA B 75 41.10 22.83 23.60
N LEU B 76 40.01 23.34 24.20
CA LEU B 76 38.73 23.46 23.54
C LEU B 76 38.88 24.31 22.28
N ALA B 77 39.60 25.43 22.43
CA ALA B 77 39.79 26.40 21.36
C ALA B 77 40.40 25.73 20.13
N ASP B 78 41.45 24.94 20.40
CA ASP B 78 42.18 24.23 19.36
C ASP B 78 41.23 23.30 18.60
N VAL B 79 40.43 22.57 19.38
CA VAL B 79 39.47 21.62 18.85
C VAL B 79 38.49 22.34 17.91
N ARG B 80 38.00 23.48 18.40
CA ARG B 80 37.04 24.30 17.65
C ARG B 80 37.64 24.73 16.32
N ARG B 81 38.91 25.17 16.39
CA ARG B 81 39.65 25.60 15.21
C ARG B 81 39.68 24.50 14.14
N ARG B 82 39.75 23.22 14.54
CA ARG B 82 39.86 22.12 13.58
C ARG B 82 38.50 21.58 13.15
N LEU B 83 37.45 22.40 13.25
CA LEU B 83 36.10 22.00 12.95
C LEU B 83 35.43 23.04 12.07
N THR B 84 34.78 22.54 11.01
CA THR B 84 33.98 23.34 10.11
C THR B 84 32.61 22.70 9.92
N LEU B 85 31.60 23.60 9.90
CA LEU B 85 30.20 23.22 9.75
C LEU B 85 29.58 23.93 8.53
N LEU B 86 29.01 23.14 7.63
CA LEU B 86 28.63 23.58 6.31
C LEU B 86 27.24 23.05 5.96
N THR B 87 26.50 23.91 5.26
CA THR B 87 25.18 23.60 4.74
C THR B 87 25.10 23.86 3.23
N PRO B 88 24.75 22.82 2.45
CA PRO B 88 24.33 22.97 1.08
C PRO B 88 23.37 24.14 0.86
N ALA B 89 23.56 24.80 -0.29
CA ALA B 89 22.75 25.93 -0.71
C ALA B 89 21.30 25.50 -0.96
N SER B 90 21.10 24.19 -1.19
CA SER B 90 19.79 23.62 -1.41
C SER B 90 19.07 23.41 -0.08
N ARG B 91 17.80 23.80 -0.06
CA ARG B 91 16.96 23.54 1.10
C ARG B 91 15.80 22.64 0.68
N ALA B 92 15.89 22.09 -0.54
CA ALA B 92 14.92 21.10 -1.00
C ALA B 92 15.09 19.81 -0.21
N ALA B 93 13.98 19.08 0.00
CA ALA B 93 14.00 17.88 0.84
C ALA B 93 14.44 16.68 0.02
N ARG B 94 15.77 16.52 -0.10
CA ARG B 94 16.35 15.43 -0.86
C ARG B 94 17.52 14.86 -0.08
N PRO B 95 18.00 13.64 -0.42
CA PRO B 95 19.20 13.10 0.22
C PRO B 95 20.32 14.13 0.27
N LEU B 96 21.06 14.12 1.39
CA LEU B 96 22.02 15.18 1.68
C LEU B 96 23.15 15.16 0.66
N ASP B 97 23.62 13.95 0.33
CA ASP B 97 24.76 13.77 -0.55
C ASP B 97 24.49 14.42 -1.91
N SER B 98 23.29 14.18 -2.42
CA SER B 98 22.86 14.72 -3.70
C SER B 98 22.92 16.24 -3.69
N LEU B 99 22.38 16.79 -2.59
CA LEU B 99 22.34 18.24 -2.38
C LEU B 99 23.75 18.82 -2.41
N VAL B 100 24.65 18.13 -1.69
CA VAL B 100 26.05 18.51 -1.58
C VAL B 100 26.68 18.58 -2.97
N LEU B 101 26.41 17.52 -3.74
CA LEU B 101 26.93 17.38 -5.09
C LEU B 101 26.48 18.55 -5.96
N GLU B 102 25.18 18.86 -5.84
CA GLU B 102 24.58 19.98 -6.56
C GLU B 102 25.31 21.29 -6.29
N ASP B 103 25.78 21.53 -5.06
CA ASP B 103 26.51 22.75 -4.75
C ASP B 103 27.98 22.64 -5.18
N GLU B 104 28.29 23.12 -6.39
CA GLU B 104 29.59 22.96 -7.01
C GLU B 104 30.68 23.55 -6.11
N ALA B 105 30.39 24.77 -5.64
CA ALA B 105 31.33 25.55 -4.86
C ALA B 105 31.76 24.78 -3.61
N LEU B 106 30.74 24.23 -2.94
CA LEU B 106 30.94 23.47 -1.71
C LEU B 106 31.86 22.27 -1.97
N VAL B 107 31.55 21.58 -3.08
CA VAL B 107 32.32 20.40 -3.51
C VAL B 107 33.78 20.78 -3.70
N GLU B 108 33.98 21.89 -4.40
CA GLU B 108 35.31 22.42 -4.70
C GLU B 108 36.09 22.66 -3.41
N THR B 109 35.39 23.31 -2.47
CA THR B 109 35.97 23.65 -1.18
C THR B 109 36.42 22.39 -0.44
N LEU B 110 35.54 21.39 -0.47
CA LEU B 110 35.78 20.10 0.17
C LEU B 110 37.04 19.46 -0.40
N ARG B 111 37.12 19.50 -1.74
CA ARG B 111 38.24 18.93 -2.48
C ARG B 111 39.54 19.59 -2.03
N ARG B 112 39.48 20.93 -1.95
CA ARG B 112 40.63 21.74 -1.55
C ARG B 112 41.11 21.33 -0.16
N ALA B 113 40.13 21.19 0.74
CA ALA B 113 40.38 20.81 2.12
C ALA B 113 41.11 19.47 2.18
N VAL B 114 40.58 18.54 1.39
CA VAL B 114 41.12 17.18 1.32
C VAL B 114 42.57 17.22 0.87
N ALA B 115 42.81 18.03 -0.17
CA ALA B 115 44.15 18.19 -0.75
C ALA B 115 45.11 18.70 0.31
N GLU B 116 44.64 19.71 1.05
CA GLU B 116 45.41 20.35 2.10
C GLU B 116 45.92 19.31 3.09
N ARG B 117 45.21 18.19 3.24
CA ARG B 117 45.66 17.20 4.20
C ARG B 117 46.19 15.94 3.53
N PRO B 118 47.17 15.27 4.17
CA PRO B 118 47.58 13.91 3.82
C PRO B 118 46.48 12.93 3.41
N ALA B 119 45.38 12.89 4.17
CA ALA B 119 44.42 11.82 4.13
C ALA B 119 42.98 12.34 4.05
N GLY B 120 42.18 11.63 3.26
CA GLY B 120 40.78 11.96 3.02
C GLY B 120 39.87 10.78 3.30
N THR B 121 38.86 11.02 4.14
CA THR B 121 37.83 10.06 4.49
C THR B 121 36.49 10.77 4.40
N ILE B 122 35.53 10.11 3.73
CA ILE B 122 34.12 10.50 3.78
C ILE B 122 33.35 9.51 4.66
N VAL B 123 32.64 10.08 5.66
CA VAL B 123 31.94 9.30 6.66
C VAL B 123 30.44 9.33 6.39
N ASP B 124 29.89 8.16 6.00
CA ASP B 124 28.57 8.09 5.39
C ASP B 124 27.71 6.98 5.98
N PHE B 125 26.41 7.06 5.67
CA PHE B 125 25.53 6.03 6.20
C PHE B 125 25.59 4.78 5.33
N SER B 126 25.03 4.89 4.13
CA SER B 126 25.05 3.85 3.13
C SER B 126 25.72 4.43 1.89
N ALA B 127 26.51 3.57 1.24
CA ALA B 127 27.18 3.88 0.00
C ALA B 127 26.12 4.15 -1.06
N SER B 128 26.35 5.18 -1.89
CA SER B 128 25.35 5.66 -2.83
C SER B 128 26.04 6.26 -4.04
N PRO B 129 25.31 6.49 -5.16
CA PRO B 129 25.95 7.06 -6.34
C PRO B 129 26.63 8.38 -5.93
N ALA B 130 25.83 9.22 -5.26
CA ALA B 130 26.21 10.58 -4.96
C ALA B 130 27.46 10.58 -4.09
N THR B 131 27.45 9.70 -3.07
CA THR B 131 28.58 9.61 -2.14
C THR B 131 29.84 9.22 -2.89
N ASP B 132 29.70 8.23 -3.79
CA ASP B 132 30.80 7.74 -4.60
C ASP B 132 31.40 8.88 -5.42
N GLU B 133 30.50 9.65 -6.04
CA GLU B 133 30.85 10.78 -6.88
C GLU B 133 31.68 11.79 -6.08
N LEU B 134 31.18 12.08 -4.88
CA LEU B 134 31.81 13.02 -3.97
C LEU B 134 33.22 12.56 -3.63
N GLY B 135 33.34 11.27 -3.34
CA GLY B 135 34.61 10.65 -3.00
C GLY B 135 35.61 10.82 -4.15
N ARG B 136 35.11 10.55 -5.35
CA ARG B 136 35.90 10.65 -6.57
C ARG B 136 36.41 12.09 -6.74
N ARG B 137 35.44 13.01 -6.64
CA ARG B 137 35.57 14.40 -7.07
C ARG B 137 36.22 15.26 -5.99
N THR B 138 36.44 14.67 -4.80
CA THR B 138 37.06 15.41 -3.70
C THR B 138 38.36 14.74 -3.27
N GLY B 139 38.52 13.46 -3.62
CA GLY B 139 39.73 12.74 -3.25
C GLY B 139 39.62 12.17 -1.83
N ALA B 140 38.41 12.20 -1.30
CA ALA B 140 38.12 11.49 -0.05
C ALA B 140 37.42 10.19 -0.37
N THR B 141 37.89 9.11 0.27
CA THR B 141 37.45 7.75 0.03
C THR B 141 36.36 7.43 1.04
N PRO B 142 35.05 7.35 0.64
CA PRO B 142 33.97 6.99 1.55
C PRO B 142 34.31 5.78 2.42
N GLU B 143 34.07 5.94 3.72
CA GLU B 143 34.42 4.99 4.77
C GLU B 143 33.48 3.78 4.65
N GLU B 144 32.40 3.99 3.89
CA GLU B 144 31.33 3.02 3.73
C GLU B 144 30.67 3.24 2.37
N GLY B 145 31.50 3.45 1.33
CA GLY B 145 31.05 3.52 -0.07
C GLY B 145 31.22 2.20 -0.85
N ASP B 146 30.95 2.23 -2.17
CA ASP B 146 31.03 1.13 -3.13
C ASP B 146 29.63 0.78 -3.67
N HIS B 147 29.17 1.53 -4.68
CA HIS B 147 27.78 1.56 -5.07
C HIS B 147 27.33 0.21 -5.64
N ALA B 148 28.24 -0.40 -6.43
CA ALA B 148 27.91 -1.58 -7.20
C ALA B 148 27.77 -2.75 -6.22
N PHE B 149 28.82 -2.91 -5.40
CA PHE B 149 28.93 -4.04 -4.50
C PHE B 149 27.73 -4.08 -3.55
N VAL B 150 27.41 -2.90 -3.01
CA VAL B 150 26.30 -2.75 -2.07
C VAL B 150 25.00 -3.19 -2.73
N ALA B 151 24.81 -2.72 -3.97
CA ALA B 151 23.63 -3.03 -4.76
C ALA B 151 23.49 -4.54 -4.94
N ARG B 152 24.63 -5.16 -5.28
CA ARG B 152 24.70 -6.60 -5.50
C ARG B 152 24.28 -7.36 -4.24
N TRP B 153 24.81 -6.99 -3.06
CA TRP B 153 24.87 -7.93 -1.94
C TRP B 153 24.03 -7.52 -0.72
N GLY B 154 23.63 -6.24 -0.66
CA GLY B 154 22.83 -5.73 0.43
C GLY B 154 21.36 -6.01 0.18
N SER B 155 21.04 -6.42 -1.06
CA SER B 155 19.69 -6.79 -1.47
C SER B 155 19.18 -7.94 -0.62
N LYS B 156 17.86 -8.20 -0.66
CA LYS B 156 17.30 -9.17 0.27
C LYS B 156 17.91 -10.55 -0.04
N SER B 157 17.81 -10.90 -1.33
CA SER B 157 18.23 -12.20 -1.83
C SER B 157 19.72 -12.44 -1.52
N GLY B 158 20.50 -11.40 -1.84
CA GLY B 158 21.95 -11.42 -1.62
C GLY B 158 22.27 -11.66 -0.15
N GLY B 159 21.54 -10.93 0.70
CA GLY B 159 21.70 -11.01 2.14
C GLY B 159 21.44 -12.45 2.62
N LYS B 160 20.35 -13.01 2.10
CA LYS B 160 19.93 -14.37 2.43
C LYS B 160 21.04 -15.36 2.08
N GLU B 161 21.58 -15.17 0.87
CA GLU B 161 22.66 -16.01 0.35
C GLU B 161 23.86 -15.97 1.29
N ILE B 162 24.21 -14.74 1.68
CA ILE B 162 25.34 -14.50 2.57
C ILE B 162 25.14 -15.23 3.89
N CYS B 163 23.92 -15.13 4.42
CA CYS B 163 23.52 -15.76 5.67
C CYS B 163 23.72 -17.27 5.57
N LEU B 164 23.25 -17.82 4.45
CA LEU B 164 23.34 -19.24 4.18
C LEU B 164 24.81 -19.70 4.20
N ARG B 165 25.63 -18.89 3.52
CA ARG B 165 27.06 -19.16 3.42
C ARG B 165 27.70 -19.20 4.82
N ALA B 166 27.31 -18.21 5.63
CA ALA B 166 27.81 -18.06 6.98
C ALA B 166 27.43 -19.26 7.82
N GLY B 167 26.33 -19.93 7.45
CA GLY B 167 25.72 -20.95 8.30
C GLY B 167 24.92 -20.31 9.43
N VAL B 168 24.36 -19.14 9.14
CA VAL B 168 23.44 -18.50 10.05
C VAL B 168 22.02 -18.90 9.63
N ALA B 169 21.23 -19.31 10.62
CA ALA B 169 19.85 -19.70 10.44
C ALA B 169 19.06 -18.58 9.77
N VAL B 170 18.40 -18.90 8.65
CA VAL B 170 17.51 -17.97 7.98
C VAL B 170 16.08 -18.50 8.11
N PRO B 171 15.04 -17.68 7.86
CA PRO B 171 13.67 -18.20 7.76
C PRO B 171 13.58 -18.99 6.45
N GLY B 172 12.74 -20.03 6.45
CA GLY B 172 12.54 -20.86 5.27
C GLY B 172 12.18 -19.99 4.08
N GLY B 173 12.99 -20.08 3.01
CA GLY B 173 12.71 -19.36 1.77
C GLY B 173 13.84 -19.49 0.74
N THR B 174 13.60 -19.02 -0.50
CA THR B 174 14.61 -19.06 -1.54
C THR B 174 15.45 -17.81 -1.46
N SER B 175 16.57 -17.85 -2.18
CA SER B 175 17.41 -16.68 -2.35
C SER B 175 17.40 -16.26 -3.81
N GLU B 176 16.20 -16.23 -4.38
CA GLU B 176 16.00 -16.03 -5.81
C GLU B 176 14.92 -14.97 -6.04
N VAL B 177 15.27 -13.99 -6.89
CA VAL B 177 14.37 -12.97 -7.37
C VAL B 177 13.19 -13.58 -8.13
N LEU B 178 12.04 -12.90 -8.00
CA LEU B 178 10.79 -13.32 -8.61
C LEU B 178 10.19 -12.21 -9.47
N ARG B 179 10.64 -12.17 -10.73
CA ARG B 179 10.34 -11.08 -11.63
C ARG B 179 8.86 -11.13 -12.07
N SER B 180 8.06 -12.09 -11.58
CA SER B 180 6.65 -12.15 -11.98
C SER B 180 5.78 -12.63 -10.83
N GLU B 181 4.48 -12.30 -10.92
CA GLU B 181 3.51 -12.68 -9.91
C GLU B 181 3.40 -14.19 -9.82
N ALA B 182 3.44 -14.87 -10.98
CA ALA B 182 3.32 -16.31 -11.04
C ALA B 182 4.43 -16.98 -10.21
N GLU B 183 5.65 -16.46 -10.44
CA GLU B 183 6.84 -16.96 -9.77
C GLU B 183 6.68 -16.84 -8.25
N VAL B 184 6.21 -15.65 -7.85
CA VAL B 184 5.99 -15.32 -6.45
C VAL B 184 5.01 -16.32 -5.83
N VAL B 185 3.93 -16.56 -6.55
CA VAL B 185 2.89 -17.46 -6.10
C VAL B 185 3.44 -18.87 -5.90
N GLU B 186 4.26 -19.30 -6.87
CA GLU B 186 4.93 -20.61 -6.83
C GLU B 186 5.76 -20.71 -5.55
N ALA B 187 6.54 -19.66 -5.31
CA ALA B 187 7.42 -19.58 -4.16
C ALA B 187 6.62 -19.73 -2.86
N ILE B 188 5.50 -19.00 -2.82
CA ILE B 188 4.61 -18.95 -1.68
C ILE B 188 4.08 -20.35 -1.41
N HIS B 189 3.69 -21.07 -2.48
CA HIS B 189 3.11 -22.39 -2.29
C HIS B 189 4.19 -23.34 -1.74
N ARG B 190 5.40 -23.17 -2.30
CA ARG B 190 6.57 -23.94 -1.90
C ARG B 190 7.08 -23.44 -0.54
N LEU B 191 6.30 -23.68 0.52
CA LEU B 191 6.71 -23.09 1.78
C LEU B 191 6.49 -24.07 2.93
N SER B 192 7.21 -23.81 4.03
CA SER B 192 7.47 -24.79 5.09
C SER B 192 6.22 -25.07 5.89
N CYS B 193 5.19 -24.25 5.66
CA CYS B 193 4.03 -24.21 6.53
C CYS B 193 4.49 -24.32 7.98
N GLY B 194 3.96 -25.31 8.67
CA GLY B 194 4.12 -25.44 10.11
C GLY B 194 2.90 -24.90 10.82
N THR B 195 2.73 -25.33 12.07
CA THR B 195 1.63 -24.88 12.91
C THR B 195 1.60 -23.36 12.88
N ALA B 196 0.46 -22.80 12.45
CA ALA B 196 0.29 -21.37 12.30
C ALA B 196 -1.21 -21.04 12.34
N ALA B 197 -1.61 -20.36 13.42
CA ALA B 197 -3.00 -19.94 13.60
C ALA B 197 -3.54 -19.39 12.29
N ALA B 198 -2.78 -18.46 11.71
CA ALA B 198 -3.13 -17.84 10.45
C ALA B 198 -1.92 -17.88 9.51
N ARG B 199 -1.69 -19.06 8.92
CA ARG B 199 -0.55 -19.35 8.07
C ARG B 199 -0.35 -18.23 7.05
N ARG B 200 0.86 -17.68 7.01
CA ARG B 200 1.19 -16.49 6.26
C ARG B 200 2.53 -16.64 5.54
N ALA B 201 2.61 -15.84 4.47
CA ALA B 201 3.80 -15.66 3.65
C ALA B 201 4.11 -14.17 3.49
N MET B 202 5.41 -13.90 3.35
CA MET B 202 5.93 -12.54 3.25
C MET B 202 6.89 -12.42 2.06
N VAL B 203 6.63 -11.39 1.25
CA VAL B 203 7.31 -11.14 -0.01
C VAL B 203 8.11 -9.84 0.08
N LYS B 204 9.44 -9.90 -0.05
CA LYS B 204 10.30 -8.76 0.25
C LYS B 204 11.01 -8.31 -1.02
N LEU B 205 10.68 -7.10 -1.49
CA LEU B 205 11.20 -6.58 -2.74
C LEU B 205 12.72 -6.46 -2.67
N ASP B 206 13.40 -7.00 -3.69
CA ASP B 206 14.81 -7.36 -3.63
C ASP B 206 15.75 -6.14 -3.49
N ALA B 207 15.38 -5.03 -4.13
CA ALA B 207 16.21 -3.83 -4.15
C ALA B 207 16.55 -3.36 -2.73
N ILE B 208 17.69 -2.68 -2.59
CA ILE B 208 18.13 -2.11 -1.30
C ILE B 208 17.52 -0.72 -1.14
N THR B 209 17.03 -0.17 -2.25
CA THR B 209 16.29 1.09 -2.29
C THR B 209 15.05 0.98 -1.41
N TRP B 210 14.53 -0.25 -1.25
CA TRP B 210 13.30 -0.53 -0.54
C TRP B 210 13.55 -0.91 0.91
N ALA B 211 14.72 -0.53 1.44
CA ALA B 211 15.17 -1.00 2.74
C ALA B 211 14.07 -0.82 3.78
N ALA B 212 14.08 -1.73 4.77
CA ALA B 212 13.06 -1.76 5.81
C ALA B 212 11.68 -1.97 5.16
N SER B 213 10.65 -1.41 5.80
CA SER B 213 9.30 -1.86 5.54
C SER B 213 8.54 -0.94 4.58
N ILE B 214 8.95 -0.91 3.30
CA ILE B 214 8.06 -0.41 2.27
C ILE B 214 7.96 -1.57 1.31
N GLY B 215 9.09 -2.30 1.24
CA GLY B 215 9.31 -3.42 0.35
C GLY B 215 8.53 -4.64 0.84
N ASN B 216 8.83 -5.03 2.10
CA ASN B 216 8.21 -6.20 2.71
C ASN B 216 6.70 -6.10 2.61
N VAL B 217 6.08 -7.14 2.02
CA VAL B 217 4.65 -7.25 1.81
C VAL B 217 4.25 -8.67 2.20
N LEU B 218 3.12 -8.75 2.91
CA LEU B 218 2.67 -9.95 3.60
C LEU B 218 1.27 -10.38 3.13
N ILE B 219 1.19 -11.66 2.81
CA ILE B 219 0.00 -12.29 2.23
C ILE B 219 -0.34 -13.56 3.01
N ASP B 220 -1.62 -13.66 3.39
CA ASP B 220 -2.13 -14.89 3.99
C ASP B 220 -2.54 -15.87 2.90
N ARG B 221 -1.93 -17.08 2.91
CA ARG B 221 -2.01 -17.99 1.80
C ARG B 221 -3.43 -18.47 1.52
N ASP B 222 -4.30 -18.45 2.55
CA ASP B 222 -5.68 -18.86 2.43
C ASP B 222 -6.38 -18.03 1.34
N LYS B 223 -6.17 -16.72 1.44
CA LYS B 223 -6.78 -15.78 0.52
C LYS B 223 -6.29 -16.03 -0.89
N LEU B 224 -4.99 -16.32 -1.03
CA LEU B 224 -4.36 -16.58 -2.31
C LEU B 224 -5.02 -17.80 -2.94
N ARG B 225 -5.20 -18.86 -2.12
CA ARG B 225 -5.54 -20.16 -2.66
C ARG B 225 -6.93 -20.09 -3.24
N HIS B 226 -7.62 -18.99 -2.93
CA HIS B 226 -8.99 -18.75 -3.39
C HIS B 226 -8.97 -17.80 -4.58
N THR B 227 -8.15 -16.74 -4.49
CA THR B 227 -8.06 -15.72 -5.52
C THR B 227 -6.59 -15.52 -5.92
N GLY B 228 -6.29 -15.78 -7.19
CA GLY B 228 -4.92 -15.97 -7.64
C GLY B 228 -3.99 -14.77 -7.47
N ASP B 229 -4.52 -13.57 -7.20
CA ASP B 229 -3.72 -12.34 -7.28
C ASP B 229 -3.06 -11.97 -5.94
N LEU B 230 -1.78 -11.60 -6.02
CA LEU B 230 -0.92 -11.23 -4.89
C LEU B 230 -1.56 -10.12 -4.08
N VAL B 231 -2.04 -9.09 -4.77
CA VAL B 231 -2.42 -7.86 -4.08
C VAL B 231 -3.89 -7.96 -3.67
N GLY B 232 -4.52 -9.09 -4.05
CA GLY B 232 -5.89 -9.40 -3.67
C GLY B 232 -5.93 -10.06 -2.30
N SER B 233 -4.81 -10.67 -1.91
CA SER B 233 -4.68 -11.40 -0.67
C SER B 233 -3.69 -10.73 0.28
N ALA B 234 -3.34 -9.47 0.00
CA ALA B 234 -2.39 -8.73 0.80
C ALA B 234 -3.04 -8.29 2.11
N GLU B 235 -2.46 -8.75 3.23
CA GLU B 235 -2.87 -8.39 4.59
C GLU B 235 -2.18 -7.10 4.98
N VAL B 236 -0.96 -6.87 4.47
CA VAL B 236 -0.27 -5.61 4.63
C VAL B 236 0.51 -5.29 3.35
N ILE B 237 0.02 -4.31 2.58
CA ILE B 237 0.78 -3.75 1.47
C ILE B 237 0.90 -2.24 1.68
N ARG B 238 2.13 -1.70 1.59
CA ARG B 238 2.36 -0.29 1.83
C ARG B 238 2.79 0.41 0.53
N LEU B 239 2.81 -0.37 -0.55
CA LEU B 239 3.08 0.17 -1.88
C LEU B 239 1.77 0.36 -2.64
N PRO B 240 1.64 1.48 -3.40
CA PRO B 240 0.63 1.56 -4.45
C PRO B 240 0.80 0.31 -5.32
N ALA B 241 -0.32 -0.38 -5.57
CA ALA B 241 -0.28 -1.70 -6.15
C ALA B 241 0.58 -1.70 -7.42
N GLU B 242 0.33 -0.67 -8.25
CA GLU B 242 0.97 -0.52 -9.55
C GLU B 242 2.49 -0.48 -9.38
N GLU B 243 2.89 0.35 -8.40
CA GLU B 243 4.32 0.54 -8.12
C GLU B 243 4.96 -0.78 -7.72
N PHE B 244 4.25 -1.51 -6.86
CA PHE B 244 4.71 -2.81 -6.36
C PHE B 244 4.92 -3.77 -7.54
N ARG B 245 3.93 -3.78 -8.43
CA ARG B 245 3.96 -4.63 -9.62
C ARG B 245 5.19 -4.33 -10.46
N ARG B 246 5.41 -3.02 -10.65
CA ARG B 246 6.54 -2.52 -11.44
C ARG B 246 7.86 -3.01 -10.84
N GLU B 247 7.94 -2.88 -9.51
CA GLU B 247 9.13 -3.28 -8.76
C GLU B 247 9.41 -4.76 -8.98
N LEU B 248 8.33 -5.55 -8.88
CA LEU B 248 8.38 -7.00 -9.06
C LEU B 248 8.95 -7.33 -10.45
N ALA B 249 8.42 -6.62 -11.44
CA ALA B 249 8.81 -6.80 -12.84
C ALA B 249 10.31 -6.54 -13.00
N GLU B 250 10.76 -5.44 -12.37
CA GLU B 250 12.02 -4.82 -12.79
C GLU B 250 13.15 -5.23 -11.87
N GLN B 251 12.87 -5.34 -10.56
CA GLN B 251 13.87 -5.73 -9.59
C GLN B 251 13.48 -7.04 -8.96
N GLY B 252 12.18 -7.21 -8.73
CA GLY B 252 11.62 -8.40 -8.10
C GLY B 252 11.71 -8.45 -6.57
N ALA B 253 11.29 -9.62 -6.05
CA ALA B 253 11.18 -9.88 -4.63
C ALA B 253 11.79 -11.24 -4.35
N ILE B 254 11.70 -11.62 -3.09
CA ILE B 254 12.16 -12.89 -2.54
C ILE B 254 11.09 -13.27 -1.52
N VAL B 255 10.87 -14.58 -1.36
CA VAL B 255 9.80 -15.06 -0.50
C VAL B 255 10.33 -15.79 0.74
N GLU B 256 9.87 -15.28 1.90
CA GLU B 256 10.16 -15.85 3.20
C GLU B 256 8.87 -16.08 3.99
N GLU B 257 8.93 -17.14 4.77
CA GLU B 257 7.89 -17.54 5.71
C GLU B 257 7.83 -16.55 6.86
N PHE B 258 6.58 -16.16 7.17
CA PHE B 258 6.29 -15.23 8.27
C PHE B 258 6.21 -15.99 9.59
N LEU B 259 7.35 -16.05 10.29
CA LEU B 259 7.48 -16.61 11.64
C LEU B 259 6.48 -15.92 12.56
N GLU B 260 5.65 -16.71 13.25
CA GLU B 260 4.46 -16.17 13.88
C GLU B 260 4.79 -15.63 15.26
N GLU B 261 5.43 -16.47 16.07
CA GLU B 261 5.76 -16.11 17.44
C GLU B 261 7.18 -15.56 17.49
N ILE B 262 7.30 -14.22 17.44
CA ILE B 262 8.54 -13.49 17.66
C ILE B 262 8.46 -12.81 19.02
N THR B 263 9.45 -13.09 19.88
CA THR B 263 9.51 -12.55 21.24
C THR B 263 10.47 -11.36 21.30
N ASP B 264 11.67 -11.53 20.72
CA ASP B 264 12.68 -10.48 20.59
C ASP B 264 13.20 -10.38 19.15
N SER B 265 13.72 -9.19 18.86
CA SER B 265 14.34 -8.90 17.57
C SER B 265 15.71 -8.27 17.75
N PRO B 266 16.74 -9.05 18.17
CA PRO B 266 18.11 -8.54 18.32
C PRO B 266 18.89 -8.19 17.05
N SER B 267 19.92 -7.36 17.22
CA SER B 267 20.76 -6.91 16.13
C SER B 267 22.24 -7.06 16.45
N GLY B 268 22.99 -7.23 15.35
CA GLY B 268 24.43 -7.39 15.35
C GLY B 268 25.09 -6.44 14.38
N LEU B 269 26.17 -5.82 14.87
CA LEU B 269 26.89 -4.75 14.19
C LEU B 269 28.37 -5.10 14.03
N GLY B 270 28.83 -4.99 12.79
CA GLY B 270 30.10 -5.54 12.35
C GLY B 270 30.87 -4.55 11.50
N HIS B 271 32.19 -4.59 11.71
CA HIS B 271 33.15 -3.77 10.96
C HIS B 271 34.25 -4.66 10.37
N ILE B 272 34.43 -4.51 9.06
CA ILE B 272 35.56 -5.07 8.34
C ILE B 272 36.61 -3.97 8.13
N GLU B 273 37.84 -4.23 8.59
CA GLU B 273 38.98 -3.39 8.28
C GLU B 273 39.24 -3.59 6.80
N ARG B 274 40.15 -2.78 6.26
CA ARG B 274 40.57 -2.89 4.86
C ARG B 274 41.42 -4.14 4.66
N ASP B 275 42.05 -4.63 5.74
CA ASP B 275 42.86 -5.84 5.67
C ASP B 275 42.02 -7.06 6.06
N GLY B 276 40.69 -6.95 5.92
CA GLY B 276 39.79 -8.07 6.10
C GLY B 276 39.43 -8.38 7.55
N THR B 277 40.08 -7.65 8.48
CA THR B 277 39.89 -7.90 9.91
C THR B 277 38.44 -7.57 10.27
N VAL B 278 37.71 -8.61 10.72
CA VAL B 278 36.34 -8.48 11.15
C VAL B 278 36.33 -8.22 12.66
N ARG B 279 35.47 -7.28 13.06
CA ARG B 279 35.23 -6.97 14.46
C ARG B 279 33.73 -7.01 14.77
N VAL B 280 33.39 -7.77 15.82
CA VAL B 280 32.08 -7.73 16.45
C VAL B 280 32.06 -6.40 17.18
N VAL B 281 31.38 -5.41 16.60
CA VAL B 281 31.37 -4.11 17.24
C VAL B 281 30.45 -4.21 18.45
N ALA B 282 29.17 -4.54 18.22
CA ALA B 282 28.22 -4.64 19.32
C ALA B 282 26.98 -5.45 18.95
N CYS B 283 26.28 -5.87 20.01
CA CYS B 283 25.00 -6.52 19.91
C CYS B 283 23.97 -5.82 20.80
N HIS B 284 22.81 -5.55 20.19
CA HIS B 284 21.67 -4.92 20.84
C HIS B 284 20.41 -5.75 20.64
N ASP B 285 19.35 -5.27 21.30
CA ASP B 285 17.98 -5.78 21.24
C ASP B 285 17.08 -4.67 20.69
N GLN B 286 17.11 -4.55 19.36
CA GLN B 286 16.22 -3.69 18.60
C GLN B 286 14.78 -4.06 18.91
N VAL B 287 13.90 -3.10 18.67
CA VAL B 287 12.47 -3.33 18.68
C VAL B 287 11.90 -2.71 17.40
N LEU B 288 11.66 -3.55 16.38
CA LEU B 288 11.22 -3.06 15.07
C LEU B 288 10.20 -1.94 15.27
N SER B 289 9.20 -2.21 16.13
CA SER B 289 8.19 -1.24 16.53
C SER B 289 7.65 -0.51 15.30
N GLY B 290 7.01 -1.27 14.42
CA GLY B 290 6.54 -0.77 13.12
C GLY B 290 7.72 -0.45 12.19
N GLY B 291 8.89 -0.99 12.54
CA GLY B 291 10.08 -0.87 11.70
C GLY B 291 10.71 0.53 11.70
N GLN B 292 10.05 1.55 12.27
CA GLN B 292 10.62 2.90 12.43
C GLN B 292 11.66 2.91 13.56
N TYR B 293 11.98 1.70 14.08
CA TYR B 293 12.99 1.45 15.09
C TYR B 293 12.97 2.56 16.14
N TRP B 294 11.78 2.83 16.69
CA TRP B 294 11.71 3.92 17.62
C TRP B 294 12.72 3.72 18.75
N GLY B 295 13.60 2.71 18.58
CA GLY B 295 14.84 2.61 19.35
C GLY B 295 15.43 1.21 19.51
N CYS B 296 16.33 1.08 20.49
CA CYS B 296 16.99 -0.17 20.86
C CYS B 296 17.77 -0.07 22.18
N ARG B 297 18.19 -1.25 22.67
CA ARG B 297 18.86 -1.40 23.95
C ARG B 297 20.13 -2.24 23.86
N PHE B 298 21.05 -1.93 24.77
CA PHE B 298 22.33 -2.63 24.90
C PHE B 298 22.65 -3.02 26.35
N PRO B 299 23.36 -4.16 26.58
CA PRO B 299 23.70 -5.13 25.53
C PRO B 299 22.51 -6.03 25.17
N ALA B 300 22.74 -6.98 24.27
CA ALA B 300 21.68 -7.89 23.91
C ALA B 300 21.33 -8.73 25.14
N ASP B 301 20.20 -9.44 25.07
CA ASP B 301 19.78 -10.33 26.14
C ASP B 301 20.87 -11.38 26.36
N GLU B 302 21.16 -11.63 27.64
CA GLU B 302 22.25 -12.49 28.09
C GLU B 302 22.22 -13.85 27.38
N ARG B 303 21.01 -14.41 27.21
CA ARG B 303 20.83 -15.73 26.63
C ARG B 303 21.35 -15.78 25.19
N TRP B 304 20.82 -14.90 24.34
CA TRP B 304 21.16 -14.92 22.92
C TRP B 304 22.20 -13.87 22.57
N ARG B 305 22.92 -13.30 23.54
CA ARG B 305 23.93 -12.33 23.17
C ARG B 305 25.08 -13.12 22.57
N PRO B 306 25.60 -14.08 23.37
CA PRO B 306 26.76 -14.86 22.99
C PRO B 306 26.53 -15.60 21.68
N GLU B 307 25.33 -16.17 21.55
CA GLU B 307 24.92 -16.88 20.36
C GLU B 307 24.99 -15.95 19.13
N ILE B 308 24.45 -14.75 19.33
CA ILE B 308 24.39 -13.74 18.28
C ILE B 308 25.80 -13.40 17.84
N THR B 309 26.70 -13.22 18.82
CA THR B 309 28.03 -12.72 18.61
C THR B 309 28.78 -13.57 17.57
N ASP B 310 28.72 -14.87 17.85
CA ASP B 310 29.39 -15.87 17.02
C ASP B 310 28.90 -15.79 15.58
N ALA B 311 27.56 -15.72 15.49
CA ALA B 311 26.87 -15.65 14.21
C ALA B 311 27.35 -14.43 13.41
N VAL B 312 27.41 -13.30 14.13
CA VAL B 312 27.81 -12.03 13.55
C VAL B 312 29.23 -12.14 13.01
N ARG B 313 30.10 -12.76 13.81
CA ARG B 313 31.51 -12.95 13.47
C ARG B 313 31.61 -13.75 12.17
N ARG B 314 30.82 -14.83 12.11
CA ARG B 314 30.79 -15.70 10.94
C ARG B 314 30.42 -14.91 9.68
N THR B 315 29.34 -14.12 9.87
CA THR B 315 28.79 -13.31 8.80
C THR B 315 29.83 -12.31 8.32
N GLY B 316 30.53 -11.69 9.27
CA GLY B 316 31.58 -10.72 9.02
C GLY B 316 32.66 -11.34 8.16
N GLU B 317 33.07 -12.54 8.55
CA GLU B 317 34.11 -13.30 7.86
C GLU B 317 33.71 -13.51 6.38
N VAL B 318 32.44 -13.94 6.24
CA VAL B 318 31.88 -14.23 4.93
C VAL B 318 31.91 -12.96 4.05
N LEU B 319 31.50 -11.86 4.67
CA LEU B 319 31.45 -10.59 3.96
C LEU B 319 32.83 -10.16 3.53
N SER B 320 33.82 -10.36 4.40
CA SER B 320 35.21 -10.04 4.11
C SER B 320 35.67 -10.82 2.89
N GLY B 321 35.34 -12.12 2.89
CA GLY B 321 35.68 -13.02 1.80
C GLY B 321 35.11 -12.51 0.48
N LEU B 322 33.83 -12.13 0.57
CA LEU B 322 33.08 -11.61 -0.59
C LEU B 322 33.78 -10.34 -1.09
N GLY B 323 34.27 -9.61 -0.08
CA GLY B 323 35.21 -8.52 -0.25
C GLY B 323 34.60 -7.18 0.18
N HIS B 324 33.69 -7.22 1.16
CA HIS B 324 33.11 -5.98 1.64
C HIS B 324 33.99 -5.41 2.75
N ARG B 325 34.36 -4.14 2.59
CA ARG B 325 35.12 -3.41 3.59
C ARG B 325 34.24 -2.27 4.10
N GLY B 326 34.34 -2.02 5.41
CA GLY B 326 33.42 -1.09 6.07
C GLY B 326 32.59 -1.80 7.14
N ALA B 327 31.27 -1.67 7.04
CA ALA B 327 30.36 -2.02 8.10
C ALA B 327 29.17 -2.79 7.54
N PHE B 328 28.76 -3.77 8.34
CA PHE B 328 27.60 -4.62 8.07
C PHE B 328 26.72 -4.71 9.32
N GLY B 329 25.45 -4.96 9.01
CA GLY B 329 24.37 -5.17 9.97
C GLY B 329 23.59 -6.45 9.68
N VAL B 330 23.34 -7.19 10.77
CA VAL B 330 22.46 -8.36 10.74
C VAL B 330 21.30 -8.22 11.74
N ASP B 331 20.08 -8.28 11.21
CA ASP B 331 18.86 -8.27 11.99
C ASP B 331 18.36 -9.70 12.14
N PHE B 332 17.93 -9.99 13.37
CA PHE B 332 17.47 -11.29 13.79
C PHE B 332 16.07 -11.26 14.43
N VAL B 333 15.46 -12.45 14.41
CA VAL B 333 14.25 -12.77 15.16
C VAL B 333 14.46 -14.02 16.01
N VAL B 334 13.72 -14.01 17.14
CA VAL B 334 13.65 -15.15 18.07
C VAL B 334 12.26 -15.80 18.01
N ALA B 335 12.20 -17.08 17.61
CA ALA B 335 11.00 -17.66 17.00
C ALA B 335 10.45 -18.81 17.83
N GLY B 336 9.83 -18.45 18.96
CA GLY B 336 9.35 -19.43 19.93
C GLY B 336 10.47 -20.37 20.33
N GLU B 337 10.26 -21.67 20.12
CA GLU B 337 11.24 -22.68 20.50
C GLU B 337 12.14 -23.00 19.31
N ARG B 338 11.83 -22.41 18.15
CA ARG B 338 12.56 -22.70 16.92
C ARG B 338 13.96 -22.09 16.94
N GLY B 339 14.16 -21.11 17.83
CA GLY B 339 15.44 -20.47 18.09
C GLY B 339 15.59 -19.13 17.39
N LEU B 340 16.81 -18.89 16.88
CA LEU B 340 17.26 -17.57 16.44
C LEU B 340 17.62 -17.58 14.95
N LEU B 341 16.98 -16.68 14.19
CA LEU B 341 17.02 -16.68 12.75
C LEU B 341 17.36 -15.27 12.23
N ALA B 342 18.34 -15.24 11.33
CA ALA B 342 18.79 -14.03 10.67
C ALA B 342 17.88 -13.72 9.49
N VAL B 343 17.37 -12.48 9.46
CA VAL B 343 16.27 -12.09 8.58
C VAL B 343 16.72 -11.02 7.57
N GLU B 344 17.61 -10.14 8.04
CA GLU B 344 18.12 -9.05 7.25
C GLU B 344 19.65 -8.97 7.32
N ILE B 345 20.20 -8.51 6.18
CA ILE B 345 21.59 -8.08 6.05
C ILE B 345 21.63 -6.66 5.46
N ASN B 346 22.45 -5.83 6.11
CA ASN B 346 22.62 -4.43 5.73
C ASN B 346 24.10 -4.10 5.44
N LEU B 347 24.35 -3.67 4.19
CA LEU B 347 25.69 -3.30 3.77
C LEU B 347 25.76 -1.80 3.92
N ARG B 348 25.97 -1.35 5.17
CA ARG B 348 25.86 0.04 5.57
C ARG B 348 25.97 0.10 7.08
N LYS B 349 26.12 1.31 7.63
CA LYS B 349 26.02 1.50 9.07
C LYS B 349 24.56 1.24 9.45
N VAL B 350 24.33 0.88 10.71
CA VAL B 350 22.97 0.58 11.09
C VAL B 350 22.62 1.50 12.25
N GLY B 351 21.33 1.72 12.45
CA GLY B 351 20.89 2.64 13.48
C GLY B 351 21.87 2.67 14.66
N PRO B 352 21.98 1.57 15.43
CA PRO B 352 22.72 1.59 16.67
C PRO B 352 24.16 1.99 16.59
N SER B 353 24.76 2.01 15.40
CA SER B 353 26.19 2.24 15.26
C SER B 353 26.56 3.61 15.85
N HIS B 354 25.77 4.59 15.39
CA HIS B 354 25.97 5.98 15.80
C HIS B 354 25.75 6.11 17.30
N VAL B 355 24.70 5.43 17.79
CA VAL B 355 24.35 5.43 19.21
C VAL B 355 25.53 4.90 20.02
N VAL B 356 26.09 3.79 19.54
CA VAL B 356 27.18 3.08 20.16
C VAL B 356 28.37 4.01 20.25
N ARG B 357 28.66 4.78 19.19
CA ARG B 357 29.77 5.71 19.20
C ARG B 357 29.66 6.70 20.37
N TYR B 358 28.44 7.25 20.47
CA TYR B 358 28.10 8.23 21.49
C TYR B 358 28.32 7.63 22.87
N ALA B 359 27.82 6.40 23.03
CA ALA B 359 27.91 5.65 24.28
C ALA B 359 29.36 5.50 24.68
N GLU B 360 30.18 5.10 23.70
CA GLU B 360 31.61 4.87 23.88
C GLU B 360 32.27 6.15 24.39
N ALA B 361 31.92 7.26 23.73
CA ALA B 361 32.46 8.57 24.06
C ALA B 361 32.14 8.91 25.52
N LEU B 362 30.88 8.67 25.88
CA LEU B 362 30.37 8.95 27.21
C LEU B 362 31.17 8.16 28.24
N VAL B 363 31.38 6.88 27.93
CA VAL B 363 32.03 5.98 28.85
C VAL B 363 33.48 6.43 29.02
N GLY B 364 34.11 6.66 27.85
CA GLY B 364 35.53 6.93 27.75
C GLY B 364 36.28 5.72 27.20
N ALA B 365 35.55 4.62 27.00
CA ALA B 365 36.14 3.35 26.58
C ALA B 365 35.42 2.80 25.36
N ARG B 366 36.11 1.90 24.65
CA ARG B 366 35.56 1.23 23.48
C ARG B 366 34.65 0.11 23.96
N VAL B 367 34.05 -0.62 22.99
CA VAL B 367 32.99 -1.59 23.25
C VAL B 367 33.32 -2.53 24.41
N GLY B 368 34.59 -2.92 24.55
CA GLY B 368 35.05 -3.73 25.67
C GLY B 368 35.13 -5.20 25.28
N ALA B 369 36.27 -5.83 25.57
CA ALA B 369 36.51 -7.25 25.32
C ALA B 369 35.93 -7.71 23.99
N ASP B 370 35.52 -8.98 23.95
CA ASP B 370 34.81 -9.52 22.80
C ASP B 370 33.35 -9.06 22.92
N GLY B 371 33.00 -8.58 24.12
CA GLY B 371 31.65 -8.13 24.40
C GLY B 371 31.51 -7.61 25.83
N MET B 372 30.58 -6.66 25.99
CA MET B 372 30.00 -6.22 27.26
C MET B 372 29.96 -4.70 27.38
N LEU B 373 31.10 -4.02 27.29
CA LEU B 373 31.20 -2.58 27.56
C LEU B 373 31.13 -2.30 29.05
N ARG B 374 32.21 -1.71 29.57
CA ARG B 374 32.38 -1.53 30.99
C ARG B 374 33.19 -0.26 31.22
N GLY B 375 32.89 0.42 32.34
CA GLY B 375 33.54 1.66 32.73
C GLY B 375 34.98 1.44 33.19
N ALA B 376 35.63 2.55 33.56
CA ALA B 376 37.02 2.55 34.02
C ALA B 376 37.23 1.53 35.14
N ASP B 377 36.26 1.50 36.08
CA ASP B 377 36.30 0.67 37.27
C ASP B 377 36.07 -0.79 36.92
N GLY B 378 35.56 -1.05 35.71
CA GLY B 378 35.36 -2.40 35.20
C GLY B 378 33.88 -2.81 35.25
N ARG B 379 33.10 -2.07 36.06
CA ARG B 379 31.67 -2.25 36.23
C ARG B 379 30.94 -2.04 34.92
N PRO B 380 30.01 -2.98 34.63
CA PRO B 380 29.22 -2.97 33.41
C PRO B 380 28.41 -1.69 33.17
N VAL B 381 28.10 -1.50 31.88
CA VAL B 381 27.38 -0.35 31.37
C VAL B 381 26.21 -0.81 30.49
N TYR B 382 25.07 -0.22 30.78
CA TYR B 382 23.80 -0.54 30.14
C TYR B 382 23.12 0.75 29.68
N TYR B 383 22.69 0.72 28.41
CA TYR B 383 22.08 1.86 27.76
C TYR B 383 20.78 1.51 27.07
N THR B 384 19.88 2.49 27.10
CA THR B 384 18.58 2.49 26.42
C THR B 384 18.46 3.72 25.50
N HIS B 385 18.17 3.43 24.23
CA HIS B 385 18.15 4.43 23.18
C HIS B 385 16.82 4.41 22.42
N GLY B 386 16.21 5.57 22.31
CA GLY B 386 14.86 5.72 21.82
C GLY B 386 14.80 6.95 20.92
N ARG B 387 14.12 6.79 19.79
CA ARG B 387 13.50 7.90 19.05
C ARG B 387 12.13 8.20 19.65
N LEU B 388 11.93 9.48 20.00
CA LEU B 388 10.65 10.01 20.45
C LEU B 388 10.24 11.22 19.60
N LEU B 389 9.01 11.15 19.09
CA LEU B 389 8.41 12.25 18.35
C LEU B 389 7.05 12.64 18.94
N GLU B 390 6.93 13.92 19.31
CA GLU B 390 5.72 14.46 19.89
C GLU B 390 5.68 15.89 19.43
N PRO B 391 5.11 16.16 18.22
CA PRO B 391 4.99 17.54 17.73
C PRO B 391 4.51 18.46 18.86
N GLU B 392 3.45 18.00 19.53
CA GLU B 392 2.66 18.80 20.45
C GLU B 392 3.53 19.36 21.56
N THR B 393 4.35 18.50 22.16
CA THR B 393 5.05 18.84 23.38
C THR B 393 6.51 19.18 23.09
N LEU B 394 7.11 18.48 22.14
CA LEU B 394 8.51 18.68 21.91
C LEU B 394 8.71 19.92 21.06
N GLY B 395 7.70 20.26 20.25
CA GLY B 395 7.79 21.36 19.30
C GLY B 395 7.81 22.71 20.00
N LYS B 396 7.78 22.65 21.34
CA LYS B 396 7.87 23.80 22.21
C LYS B 396 9.34 24.08 22.56
N LEU B 397 10.17 23.03 22.50
CA LEU B 397 11.53 23.10 22.98
C LEU B 397 12.49 23.61 21.91
N ASN B 398 13.67 24.04 22.37
CA ASN B 398 14.85 24.14 21.52
C ASN B 398 15.98 23.35 22.19
N PRO B 399 17.10 23.04 21.49
CA PRO B 399 18.15 22.15 21.99
C PRO B 399 18.54 22.58 23.41
N ARG B 400 18.84 23.88 23.50
CA ARG B 400 19.41 24.48 24.68
C ARG B 400 18.51 24.26 25.88
N THR B 401 17.22 24.53 25.64
CA THR B 401 16.17 24.40 26.64
C THR B 401 16.16 22.97 27.21
N ALA B 402 16.18 22.03 26.26
CA ALA B 402 16.13 20.62 26.59
C ALA B 402 17.32 20.23 27.47
N VAL B 403 18.49 20.73 27.05
CA VAL B 403 19.73 20.43 27.76
C VAL B 403 19.64 20.95 29.20
N GLU B 404 19.13 22.17 29.31
CA GLU B 404 18.97 22.84 30.60
C GLU B 404 18.09 22.02 31.52
N ARG B 405 16.97 21.55 30.94
CA ARG B 405 15.98 20.75 31.66
C ARG B 405 16.66 19.48 32.19
N LEU B 406 17.43 18.85 31.31
CA LEU B 406 18.09 17.62 31.69
C LEU B 406 19.08 17.86 32.83
N ARG B 407 19.79 18.99 32.76
CA ARG B 407 20.77 19.36 33.76
C ARG B 407 20.08 19.59 35.10
N ALA B 408 18.90 20.20 35.05
CA ALA B 408 18.21 20.67 36.25
C ALA B 408 17.84 19.52 37.16
N GLU B 409 17.11 18.56 36.59
CA GLU B 409 16.54 17.46 37.33
C GLU B 409 17.55 16.33 37.46
N GLY B 410 18.84 16.71 37.35
CA GLY B 410 19.98 15.82 37.49
C GLY B 410 19.86 14.61 36.57
N LEU B 411 19.30 14.83 35.38
CA LEU B 411 19.01 13.78 34.43
C LEU B 411 20.15 13.60 33.42
N LEU B 412 20.85 14.70 33.15
CA LEU B 412 21.94 14.68 32.18
C LEU B 412 23.06 13.76 32.68
N TYR B 413 23.73 13.09 31.72
CA TYR B 413 24.79 12.17 32.06
C TYR B 413 25.94 12.93 32.70
N ARG B 414 26.41 12.43 33.84
CA ARG B 414 27.61 12.95 34.48
C ARG B 414 28.69 11.87 34.47
N HIS B 415 29.95 12.29 34.30
CA HIS B 415 31.05 11.37 34.08
C HIS B 415 31.59 10.85 35.40
N ASP B 416 31.29 11.57 36.49
CA ASP B 416 31.75 11.24 37.83
C ASP B 416 30.94 10.07 38.40
N THR B 417 29.65 10.04 38.07
CA THR B 417 28.72 9.01 38.53
C THR B 417 28.75 7.84 37.54
N GLY B 418 28.76 8.16 36.25
CA GLY B 418 28.91 7.17 35.19
C GLY B 418 27.56 6.73 34.65
N GLU B 419 26.53 7.57 34.87
CA GLU B 419 25.17 7.24 34.47
C GLU B 419 24.36 8.51 34.23
N GLY B 420 23.58 8.50 33.15
CA GLY B 420 22.62 9.55 32.83
C GLY B 420 22.18 9.50 31.37
N VAL B 421 21.73 10.69 30.91
CA VAL B 421 21.00 10.84 29.65
C VAL B 421 21.72 11.85 28.75
N ALA B 422 21.92 11.41 27.50
CA ALA B 422 22.46 12.22 26.43
C ALA B 422 21.53 12.14 25.22
N LEU B 423 21.28 13.33 24.65
CA LEU B 423 20.44 13.51 23.48
C LEU B 423 21.22 13.57 22.16
N HIS B 424 20.48 13.24 21.10
CA HIS B 424 20.94 13.32 19.73
C HIS B 424 19.92 14.05 18.87
N VAL B 425 20.44 14.67 17.81
CA VAL B 425 19.60 15.21 16.74
C VAL B 425 18.75 16.30 17.38
N LEU B 426 19.40 17.20 18.14
CA LEU B 426 18.69 18.18 18.94
C LEU B 426 17.96 19.16 18.03
N GLY B 427 18.46 19.29 16.80
CA GLY B 427 17.98 20.30 15.86
C GLY B 427 16.52 20.06 15.46
N ALA B 428 16.12 18.79 15.56
CA ALA B 428 14.79 18.40 15.14
C ALA B 428 13.75 18.86 16.17
N LEU B 429 14.22 19.14 17.39
CA LEU B 429 13.38 19.54 18.52
C LEU B 429 12.40 20.63 18.12
N ASN B 430 12.93 21.80 17.77
CA ASN B 430 12.09 22.98 17.59
C ASN B 430 11.17 22.79 16.40
N ALA B 431 11.68 22.03 15.42
CA ALA B 431 11.19 22.05 14.05
C ALA B 431 10.17 20.93 13.82
N CYS B 432 10.50 19.71 14.26
CA CYS B 432 9.63 18.58 13.99
C CYS B 432 9.11 17.98 15.29
N GLY B 433 9.61 18.50 16.41
CA GLY B 433 9.31 17.89 17.69
C GLY B 433 9.78 16.43 17.72
N PHE B 434 11.05 16.26 17.38
CA PHE B 434 11.71 14.97 17.39
C PHE B 434 13.04 15.01 18.15
N VAL B 435 13.36 13.91 18.80
CA VAL B 435 14.67 13.78 19.44
C VAL B 435 14.96 12.31 19.69
N GLU B 436 16.25 11.97 19.58
CA GLU B 436 16.83 10.76 20.14
C GLU B 436 17.34 11.02 21.56
N LEU B 437 17.06 10.05 22.43
CA LEU B 437 17.63 10.03 23.78
C LEU B 437 18.24 8.66 24.08
N THR B 438 19.39 8.73 24.75
CA THR B 438 20.15 7.58 25.22
C THR B 438 20.48 7.75 26.70
N ALA B 439 20.22 6.65 27.43
CA ALA B 439 20.31 6.59 28.88
C ALA B 439 21.22 5.45 29.31
N LEU B 440 22.19 5.81 30.18
CA LEU B 440 23.23 4.90 30.63
C LEU B 440 23.25 4.79 32.16
N ALA B 441 23.14 3.55 32.65
CA ALA B 441 23.22 3.26 34.07
C ALA B 441 24.01 2.01 34.40
N ARG B 442 24.16 1.84 35.72
CA ARG B 442 24.90 0.75 36.32
C ARG B 442 24.14 -0.57 36.16
N SER B 443 22.80 -0.49 36.09
CA SER B 443 21.94 -1.64 35.83
C SER B 443 20.98 -1.29 34.70
N PRO B 444 20.47 -2.25 33.88
CA PRO B 444 19.61 -1.92 32.74
C PRO B 444 18.29 -1.34 33.18
N GLU B 445 17.76 -1.83 34.31
CA GLU B 445 16.54 -1.32 34.91
C GLU B 445 16.69 0.16 35.22
N ALA B 446 17.84 0.49 35.83
CA ALA B 446 18.15 1.85 36.23
C ALA B 446 18.16 2.76 34.99
N ALA B 447 18.81 2.27 33.95
CA ALA B 447 18.93 2.97 32.67
C ALA B 447 17.55 3.29 32.12
N ASP B 448 16.70 2.26 32.14
CA ASP B 448 15.33 2.34 31.64
C ASP B 448 14.57 3.44 32.40
N GLY B 449 14.74 3.41 33.72
CA GLY B 449 14.10 4.37 34.62
C GLY B 449 14.51 5.79 34.26
N TYR B 450 15.81 5.95 34.05
CA TYR B 450 16.42 7.23 33.68
C TYR B 450 15.78 7.76 32.40
N SER B 451 15.69 6.85 31.43
CA SER B 451 15.12 7.14 30.12
C SER B 451 13.69 7.66 30.27
N ARG B 452 12.94 6.92 31.09
CA ARG B 452 11.52 7.22 31.35
C ARG B 452 11.40 8.62 31.95
N ALA B 453 12.28 8.90 32.91
CA ALA B 453 12.31 10.18 33.60
C ALA B 453 12.54 11.30 32.60
N ALA B 454 13.51 11.08 31.72
CA ALA B 454 13.89 12.04 30.70
C ALA B 454 12.69 12.35 29.80
N GLN B 455 12.00 11.27 29.40
CA GLN B 455 10.82 11.35 28.55
C GLN B 455 9.75 12.22 29.21
N ALA B 456 9.54 11.94 30.50
CA ALA B 456 8.55 12.65 31.31
C ALA B 456 8.87 14.14 31.33
N LEU B 457 10.15 14.43 31.54
CA LEU B 457 10.65 15.80 31.63
C LEU B 457 10.36 16.52 30.31
N LEU B 458 10.64 15.82 29.20
CA LEU B 458 10.66 16.50 27.91
C LEU B 458 9.24 16.59 27.35
N THR B 459 8.36 15.62 27.63
CA THR B 459 7.05 15.56 27.02
C THR B 459 5.96 16.04 27.99
N GLY B 460 6.24 17.13 28.70
CA GLY B 460 5.22 17.80 29.48
C GLY B 460 5.44 19.31 29.49
N PRO B 461 4.59 20.06 30.21
CA PRO B 461 4.89 21.46 30.54
C PRO B 461 5.86 21.58 31.71
N TYR B 462 6.09 22.80 32.19
CA TYR B 462 7.08 23.04 33.24
C TYR B 462 6.84 24.42 33.93
N9 ADE C . -14.98 -3.11 3.97
C8 ADE C . -15.81 -2.04 4.09
N7 ADE C . -16.07 -1.72 5.34
C5 ADE C . -15.35 -2.66 6.07
C6 ADE C . -15.19 -2.87 7.46
N6 ADE C . -15.77 -2.11 8.38
N1 ADE C . -14.41 -3.90 7.85
C2 ADE C . -13.83 -4.66 6.92
N3 ADE C . -13.90 -4.55 5.59
C4 ADE C . -14.69 -3.53 5.23
N9 ADE D . 11.02 -10.33 9.66
C8 ADE D . 11.92 -10.65 8.69
N7 ADE D . 11.63 -11.75 8.05
C5 ADE D . 10.44 -12.17 8.64
C6 ADE D . 9.60 -13.27 8.41
N6 ADE D . 9.84 -14.19 7.48
N1 ADE D . 8.49 -13.41 9.19
C2 ADE D . 8.26 -12.48 10.14
N3 ADE D . 8.97 -11.40 10.43
C4 ADE D . 10.06 -11.30 9.64
#